data_7X0Q
#
_entry.id   7X0Q
#
_cell.length_a   104.390
_cell.length_b   104.390
_cell.length_c   167.780
_cell.angle_alpha   90.000
_cell.angle_beta   90.000
_cell.angle_gamma   90.000
#
_symmetry.space_group_name_H-M   'P 43 21 2'
#
_entity_poly.entity_id   1
_entity_poly.type   'polypeptide(L)'
_entity_poly.pdbx_seq_one_letter_code
;MASVKLKGVYKRYPGGVTAVNDFNLDIEDKEFIILVGPSGCGKTTTLRMVAGLEEITEGELYIGDKLVNDVAPKDRDIAM
VFQNYALYPHMSVFDNMAFGLKLRKVPKDEIKRRVLEAAKILDIEHLLERKPKALSGGQRQRVALGRAIVRNPKVFLMDE
PLSNLDAKLRVQMRTEISKLHQRLQTTFIYVTHDQTEALTMGTRIVVMKDGYIQQVDTPTNLYERPCNMFVAGFIGSPQM
NFVNARIEKRGDEMHLLFGKQDIKLPEGKAKKLESSEYVGREVVMGIRPENIRDEEIYLESMSENVVEGRVEVVEMLGSE
TLIYMVIDDFEFTARVNPRSKARPGDVIKVAFDANKIHLFDKETEKTIMN
;
_entity_poly.pdbx_strand_id   A,B
#
# COMPACT_ATOMS: atom_id res chain seq x y z
N SER A 3 6.03 24.86 -22.66
CA SER A 3 7.28 24.22 -23.05
C SER A 3 8.48 24.83 -22.32
N VAL A 4 9.39 23.99 -21.85
CA VAL A 4 10.62 24.43 -21.18
C VAL A 4 11.79 23.64 -21.73
N LYS A 5 12.89 24.34 -22.02
CA LYS A 5 14.10 23.74 -22.53
C LYS A 5 15.26 24.21 -21.67
N LEU A 6 16.12 23.29 -21.26
CA LEU A 6 17.37 23.61 -20.57
C LEU A 6 18.50 23.01 -21.39
N LYS A 7 19.30 23.87 -22.03
CA LYS A 7 20.36 23.45 -22.94
C LYS A 7 21.70 23.55 -22.22
N GLY A 8 22.29 22.40 -21.90
CA GLY A 8 23.62 22.30 -21.34
C GLY A 8 23.84 23.14 -20.10
N VAL A 9 22.95 22.99 -19.12
CA VAL A 9 22.92 23.86 -17.95
C VAL A 9 23.79 23.26 -16.85
N TYR A 10 24.63 24.10 -16.25
CA TYR A 10 25.46 23.74 -15.12
C TYR A 10 25.13 24.62 -13.93
N LYS A 11 25.40 24.13 -12.73
CA LYS A 11 25.50 25.03 -11.57
C LYS A 11 26.60 24.53 -10.65
N ARG A 12 27.47 25.46 -10.30
CA ARG A 12 28.56 25.17 -9.41
C ARG A 12 28.43 25.94 -8.11
N TYR A 13 28.81 25.31 -7.04
CA TYR A 13 28.68 25.89 -5.70
C TYR A 13 29.93 26.67 -5.35
N PRO A 14 29.90 27.44 -4.26
CA PRO A 14 31.15 27.97 -3.70
C PRO A 14 32.17 26.85 -3.54
N GLY A 15 33.40 27.14 -3.93
CA GLY A 15 34.46 26.14 -3.89
C GLY A 15 34.66 25.34 -5.15
N GLY A 16 33.91 25.64 -6.22
CA GLY A 16 34.08 24.99 -7.50
C GLY A 16 33.30 23.69 -7.69
N VAL A 17 32.68 23.17 -6.64
CA VAL A 17 31.91 21.94 -6.75
C VAL A 17 30.70 22.18 -7.66
N THR A 18 30.49 21.28 -8.61
CA THR A 18 29.41 21.42 -9.58
C THR A 18 28.19 20.63 -9.09
N ALA A 19 27.09 21.35 -8.89
CA ALA A 19 25.87 20.74 -8.38
C ALA A 19 25.04 20.13 -9.51
N VAL A 20 24.89 20.86 -10.61
CA VAL A 20 24.17 20.39 -11.78
C VAL A 20 25.18 20.33 -12.93
N ASN A 21 25.30 19.16 -13.56
CA ASN A 21 26.35 18.92 -14.55
C ASN A 21 25.73 18.53 -15.90
N ASP A 22 25.77 19.47 -16.85
CA ASP A 22 25.29 19.27 -18.21
C ASP A 22 23.87 18.71 -18.23
N PHE A 23 22.95 19.55 -17.72
CA PHE A 23 21.53 19.23 -17.63
C PHE A 23 20.84 19.61 -18.94
N ASN A 24 20.42 18.61 -19.72
CA ASN A 24 19.75 18.83 -21.00
C ASN A 24 18.45 18.05 -21.11
N LEU A 25 17.36 18.74 -21.45
CA LEU A 25 16.06 18.11 -21.72
C LEU A 25 15.08 19.16 -22.22
N ASP A 26 14.20 18.77 -23.14
CA ASP A 26 13.19 19.67 -23.72
C ASP A 26 11.81 19.19 -23.29
N ILE A 27 11.20 19.92 -22.36
CA ILE A 27 9.85 19.63 -21.89
C ILE A 27 8.85 20.17 -22.90
N GLU A 28 8.02 19.29 -23.46
CA GLU A 28 6.93 19.77 -24.30
C GLU A 28 5.86 20.43 -23.45
N ASP A 29 5.10 21.33 -24.08
CA ASP A 29 4.03 22.00 -23.36
C ASP A 29 2.97 20.99 -22.95
N LYS A 30 2.28 21.30 -21.84
CA LYS A 30 1.24 20.41 -21.30
C LYS A 30 1.83 19.08 -20.87
N GLU A 31 3.00 19.11 -20.23
CA GLU A 31 3.69 17.89 -19.84
C GLU A 31 3.99 17.91 -18.34
N PHE A 32 3.92 16.71 -17.76
CA PHE A 32 4.18 16.47 -16.34
C PHE A 32 5.52 15.77 -16.22
N ILE A 33 6.51 16.51 -15.72
CA ILE A 33 7.86 16.00 -15.54
C ILE A 33 8.12 15.85 -14.05
N ILE A 34 8.74 14.75 -13.67
CA ILE A 34 9.12 14.50 -12.28
C ILE A 34 10.63 14.47 -12.19
N LEU A 35 11.17 15.18 -11.20
CA LEU A 35 12.59 15.13 -10.88
C LEU A 35 12.75 14.34 -9.60
N VAL A 36 13.29 13.13 -9.70
CA VAL A 36 13.55 12.29 -8.54
C VAL A 36 15.05 12.03 -8.43
N GLY A 37 15.48 11.69 -7.22
CA GLY A 37 16.86 11.36 -6.96
C GLY A 37 17.17 11.50 -5.48
N PRO A 38 18.31 10.95 -5.06
CA PRO A 38 18.72 11.06 -3.66
C PRO A 38 18.92 12.51 -3.25
N SER A 39 19.12 12.69 -1.96
CA SER A 39 19.30 14.03 -1.42
C SER A 39 20.58 14.64 -1.95
N GLY A 40 20.53 15.94 -2.25
CA GLY A 40 21.69 16.61 -2.80
C GLY A 40 22.04 16.23 -4.23
N CYS A 41 21.14 15.52 -4.93
CA CYS A 41 21.37 15.15 -6.33
C CYS A 41 21.20 16.34 -7.27
N GLY A 42 20.94 17.52 -6.74
CA GLY A 42 20.71 18.70 -7.55
C GLY A 42 19.30 18.90 -8.04
N LYS A 43 18.37 18.02 -7.69
CA LYS A 43 16.99 18.16 -8.16
C LYS A 43 16.38 19.47 -7.65
N THR A 44 16.59 19.79 -6.38
CA THR A 44 16.09 21.05 -5.85
C THR A 44 16.80 22.23 -6.50
N THR A 45 18.11 22.10 -6.73
CA THR A 45 18.87 23.18 -7.35
C THR A 45 18.33 23.51 -8.73
N THR A 46 18.07 22.47 -9.53
CA THR A 46 17.55 22.67 -10.88
C THR A 46 16.24 23.43 -10.87
N LEU A 47 15.34 23.08 -9.94
CA LEU A 47 14.07 23.80 -9.83
C LEU A 47 14.31 25.27 -9.49
N ARG A 48 15.18 25.52 -8.50
CA ARG A 48 15.52 26.88 -8.13
C ARG A 48 16.08 27.67 -9.30
N MET A 49 16.71 27.00 -10.26
CA MET A 49 17.23 27.67 -11.43
C MET A 49 16.14 27.90 -12.46
N VAL A 50 15.22 26.94 -12.60
CA VAL A 50 14.05 27.16 -13.46
C VAL A 50 13.17 28.28 -12.88
N ALA A 51 13.08 28.33 -11.55
CA ALA A 51 12.26 29.35 -10.90
C ALA A 51 12.91 30.73 -10.92
N GLY A 52 14.23 30.79 -11.05
CA GLY A 52 14.93 32.07 -11.01
C GLY A 52 15.42 32.48 -9.64
N LEU A 53 15.55 31.54 -8.70
CA LEU A 53 15.98 31.85 -7.34
C LEU A 53 17.48 31.68 -7.17
N GLU A 54 18.10 30.83 -7.99
CA GLU A 54 19.54 30.75 -8.09
C GLU A 54 19.94 31.09 -9.53
N GLU A 55 21.14 31.65 -9.68
CA GLU A 55 21.61 31.99 -11.01
C GLU A 55 22.12 30.75 -11.72
N ILE A 56 22.14 30.79 -13.04
CA ILE A 56 22.64 29.68 -13.85
C ILE A 56 24.09 29.94 -14.19
N THR A 57 24.98 29.09 -13.70
CA THR A 57 26.42 29.29 -13.99
C THR A 57 26.70 29.26 -15.47
N GLU A 58 26.20 28.25 -16.16
CA GLU A 58 26.50 28.07 -17.57
C GLU A 58 25.32 27.33 -18.16
N GLY A 59 25.01 27.64 -19.41
CA GLY A 59 23.92 26.99 -20.10
C GLY A 59 22.80 27.95 -20.45
N GLU A 60 21.73 27.40 -20.99
CA GLU A 60 20.62 28.23 -21.40
C GLU A 60 19.24 27.72 -21.01
N LEU A 61 18.44 28.54 -20.31
CA LEU A 61 17.08 28.14 -19.98
C LEU A 61 16.10 28.88 -20.85
N TYR A 62 15.22 28.15 -21.50
CA TYR A 62 14.23 28.76 -22.36
C TYR A 62 12.83 28.36 -21.96
N ILE A 63 12.06 29.28 -21.43
CA ILE A 63 10.69 28.98 -21.14
C ILE A 63 9.98 29.51 -22.34
N GLY A 64 9.24 28.66 -23.01
CA GLY A 64 8.48 29.09 -24.16
C GLY A 64 9.32 29.18 -25.39
N ASP A 65 9.97 30.31 -25.57
CA ASP A 65 10.84 30.49 -26.70
C ASP A 65 11.82 31.53 -26.28
N LYS A 66 11.70 32.02 -25.05
CA LYS A 66 12.56 33.09 -24.63
C LYS A 66 13.56 32.65 -23.62
N LEU A 67 14.75 33.22 -23.68
CA LEU A 67 15.79 32.88 -22.75
C LEU A 67 15.52 33.62 -21.49
N VAL A 68 15.51 32.92 -20.38
CA VAL A 68 15.12 33.56 -19.15
C VAL A 68 16.14 33.51 -18.07
N ASN A 69 17.39 33.32 -18.43
CA ASN A 69 18.40 33.17 -17.41
C ASN A 69 18.50 34.44 -16.62
N ASP A 70 18.33 35.57 -17.30
CA ASP A 70 18.47 36.87 -16.67
C ASP A 70 17.12 37.57 -16.52
N VAL A 71 16.06 36.80 -16.41
CA VAL A 71 14.71 37.33 -16.18
C VAL A 71 14.34 37.04 -14.72
N ALA A 72 13.83 38.06 -14.04
CA ALA A 72 13.40 37.88 -12.65
C ALA A 72 12.27 36.87 -12.58
N PRO A 73 12.21 36.07 -11.50
CA PRO A 73 11.16 35.04 -11.39
C PRO A 73 9.75 35.53 -11.64
N LYS A 74 9.42 36.71 -11.14
CA LYS A 74 8.06 37.24 -11.21
C LYS A 74 7.69 37.64 -12.62
N ASP A 75 8.67 37.97 -13.47
CA ASP A 75 8.46 38.26 -14.87
C ASP A 75 8.65 37.03 -15.74
N ARG A 76 8.60 35.83 -15.13
CA ARG A 76 8.79 34.58 -15.84
C ARG A 76 7.48 33.84 -16.07
N ASP A 77 6.38 34.36 -15.54
CA ASP A 77 5.09 33.68 -15.59
C ASP A 77 5.19 32.26 -15.05
N ILE A 78 5.55 32.18 -13.76
CA ILE A 78 5.75 30.91 -13.07
C ILE A 78 4.87 30.84 -11.84
N ALA A 79 4.22 29.70 -11.65
CA ALA A 79 3.54 29.39 -10.39
C ALA A 79 4.43 28.46 -9.59
N MET A 80 4.64 28.79 -8.32
CA MET A 80 5.51 28.01 -7.45
C MET A 80 4.73 27.58 -6.21
N VAL A 81 4.82 26.30 -5.88
CA VAL A 81 4.45 25.82 -4.56
C VAL A 81 5.71 25.17 -4.00
N PHE A 82 6.36 25.88 -3.10
CA PHE A 82 7.57 25.46 -2.43
C PHE A 82 7.33 25.49 -0.93
N GLN A 83 8.39 25.14 -0.17
CA GLN A 83 8.34 25.31 1.28
C GLN A 83 8.57 26.76 1.68
N ASN A 84 8.69 27.66 0.70
CA ASN A 84 8.72 29.09 1.00
C ASN A 84 7.32 29.63 1.18
N TYR A 85 6.35 29.06 0.46
CA TYR A 85 5.00 29.62 0.41
C TYR A 85 4.23 29.46 1.72
N ALA A 86 4.70 30.10 2.79
CA ALA A 86 3.85 30.29 3.94
C ALA A 86 2.70 31.20 3.55
N LEU A 87 1.47 30.78 3.81
CA LEU A 87 0.34 31.65 3.52
C LEU A 87 0.45 32.89 4.38
N TYR A 88 -0.12 33.99 3.90
CA TYR A 88 0.02 35.24 4.64
C TYR A 88 -0.77 35.14 5.93
N PRO A 89 -0.15 35.34 7.08
CA PRO A 89 -0.79 34.94 8.35
C PRO A 89 -2.12 35.63 8.64
N HIS A 90 -2.23 36.93 8.36
CA HIS A 90 -3.40 37.71 8.74
C HIS A 90 -4.27 38.06 7.54
N MET A 91 -4.40 37.13 6.61
CA MET A 91 -5.27 37.30 5.46
C MET A 91 -6.17 36.07 5.31
N SER A 92 -7.38 36.28 4.81
CA SER A 92 -8.25 35.14 4.57
C SER A 92 -7.64 34.30 3.46
N VAL A 93 -7.99 33.01 3.43
CA VAL A 93 -7.51 32.17 2.33
C VAL A 93 -7.91 32.76 0.99
N PHE A 94 -9.09 33.40 0.92
CA PHE A 94 -9.47 34.09 -0.31
C PHE A 94 -8.41 35.11 -0.70
N ASP A 95 -8.16 36.07 0.17
CA ASP A 95 -7.14 37.09 -0.11
C ASP A 95 -5.78 36.44 -0.34
N ASN A 96 -5.53 35.30 0.30
CA ASN A 96 -4.26 34.60 0.09
C ASN A 96 -4.22 33.94 -1.27
N MET A 97 -5.38 33.62 -1.83
CA MET A 97 -5.46 33.09 -3.19
C MET A 97 -5.62 34.19 -4.22
N ALA A 98 -6.01 35.38 -3.80
CA ALA A 98 -6.17 36.49 -4.74
C ALA A 98 -4.94 37.38 -4.75
N PHE A 99 -3.89 37.02 -4.02
CA PHE A 99 -2.67 37.81 -3.99
C PHE A 99 -1.89 37.53 -5.27
N GLY A 100 -0.98 38.45 -5.60
CA GLY A 100 -0.24 38.30 -6.82
C GLY A 100 -1.14 38.75 -7.96
N LEU A 101 -2.28 38.08 -8.09
CA LEU A 101 -3.31 38.54 -9.01
C LEU A 101 -3.82 39.92 -8.62
N LYS A 102 -3.75 40.26 -7.33
CA LYS A 102 -4.20 41.56 -6.84
C LYS A 102 -3.23 42.68 -7.21
N LEU A 103 -1.97 42.37 -7.45
CA LEU A 103 -1.05 43.42 -7.90
C LEU A 103 -0.42 43.11 -9.24
N ARG A 104 -0.86 42.06 -9.91
CA ARG A 104 -0.63 41.90 -11.34
C ARG A 104 -1.81 42.50 -12.10
N LYS A 105 -1.92 43.83 -11.99
CA LYS A 105 -2.87 44.62 -12.77
C LYS A 105 -4.31 44.19 -12.50
N VAL A 106 -4.78 44.54 -11.30
CA VAL A 106 -6.03 44.06 -10.70
C VAL A 106 -7.18 43.92 -11.68
N PRO A 107 -7.62 42.69 -11.98
CA PRO A 107 -8.97 42.45 -12.52
C PRO A 107 -9.93 42.09 -11.40
N LYS A 108 -10.33 43.11 -10.62
CA LYS A 108 -11.16 42.93 -9.44
C LYS A 108 -12.30 41.94 -9.62
N ASP A 109 -13.20 42.19 -10.58
CA ASP A 109 -14.26 41.24 -10.87
C ASP A 109 -13.70 39.90 -11.31
N GLU A 110 -12.81 39.92 -12.30
CA GLU A 110 -12.19 38.71 -12.83
C GLU A 110 -11.24 38.04 -11.84
N ILE A 111 -11.05 38.61 -10.66
CA ILE A 111 -10.28 37.92 -9.62
C ILE A 111 -11.19 37.08 -8.74
N LYS A 112 -12.40 37.56 -8.45
CA LYS A 112 -13.34 36.75 -7.69
C LYS A 112 -13.76 35.52 -8.48
N ARG A 113 -14.04 35.68 -9.77
CA ARG A 113 -14.47 34.55 -10.60
C ARG A 113 -13.41 33.46 -10.63
N ARG A 114 -12.14 33.83 -10.85
CA ARG A 114 -11.08 32.82 -10.95
C ARG A 114 -10.75 32.21 -9.60
N VAL A 115 -10.69 33.02 -8.54
CA VAL A 115 -10.38 32.49 -7.21
C VAL A 115 -11.42 31.45 -6.80
N LEU A 116 -12.69 31.66 -7.16
CA LEU A 116 -13.73 30.75 -6.73
C LEU A 116 -13.82 29.53 -7.63
N GLU A 117 -13.32 29.63 -8.86
CA GLU A 117 -13.19 28.44 -9.69
C GLU A 117 -12.04 27.57 -9.22
N ALA A 118 -10.92 28.19 -8.80
CA ALA A 118 -9.84 27.42 -8.19
C ALA A 118 -10.27 26.85 -6.84
N ALA A 119 -11.16 27.53 -6.13
CA ALA A 119 -11.65 27.01 -4.85
C ALA A 119 -12.58 25.83 -5.04
N LYS A 120 -13.51 25.94 -6.00
CA LYS A 120 -14.41 24.82 -6.28
C LYS A 120 -13.68 23.59 -6.79
N ILE A 121 -12.56 23.76 -7.49
CA ILE A 121 -11.79 22.61 -7.95
C ILE A 121 -11.21 21.85 -6.78
N LEU A 122 -10.71 22.57 -5.78
CA LEU A 122 -10.08 21.96 -4.61
C LEU A 122 -11.04 21.73 -3.46
N ASP A 123 -12.31 22.06 -3.63
CA ASP A 123 -13.31 21.93 -2.57
C ASP A 123 -12.84 22.59 -1.27
N ILE A 124 -12.33 23.81 -1.41
CA ILE A 124 -11.91 24.62 -0.26
C ILE A 124 -12.76 25.88 -0.13
N GLU A 125 -13.81 26.01 -0.93
CA GLU A 125 -14.64 27.20 -0.91
C GLU A 125 -15.27 27.47 0.45
N HIS A 126 -15.53 26.43 1.24
CA HIS A 126 -16.12 26.65 2.56
C HIS A 126 -15.08 27.10 3.58
N LEU A 127 -13.87 27.41 3.14
CA LEU A 127 -12.80 27.86 4.01
C LEU A 127 -12.35 29.26 3.64
N LEU A 128 -13.07 29.92 2.73
CA LEU A 128 -12.58 31.14 2.09
C LEU A 128 -12.39 32.27 3.11
N GLU A 129 -13.13 32.24 4.21
CA GLU A 129 -13.00 33.26 5.23
C GLU A 129 -12.18 32.81 6.43
N ARG A 130 -11.69 31.58 6.44
CA ARG A 130 -10.79 31.21 7.50
C ARG A 130 -9.40 31.81 7.25
N LYS A 131 -8.58 31.82 8.29
CA LYS A 131 -7.24 32.35 8.18
C LYS A 131 -6.21 31.23 8.37
N PRO A 132 -5.00 31.39 7.81
CA PRO A 132 -4.05 30.24 7.76
C PRO A 132 -3.81 29.57 9.10
N LYS A 133 -3.89 30.32 10.20
CA LYS A 133 -3.60 29.70 11.49
C LYS A 133 -4.71 28.76 11.92
N ALA A 134 -5.94 28.97 11.44
CA ALA A 134 -7.03 28.07 11.78
C ALA A 134 -7.01 26.80 10.94
N LEU A 135 -6.28 26.81 9.83
CA LEU A 135 -6.21 25.66 8.94
C LEU A 135 -5.21 24.62 9.44
N SER A 136 -5.34 23.42 8.89
CA SER A 136 -4.41 22.31 9.09
C SER A 136 -3.57 22.08 7.85
N GLY A 137 -2.43 21.42 8.06
CA GLY A 137 -1.43 21.15 7.04
C GLY A 137 -2.02 20.78 5.69
N GLY A 138 -2.97 19.83 5.70
CA GLY A 138 -3.54 19.37 4.44
C GLY A 138 -4.34 20.44 3.75
N GLN A 139 -5.10 21.23 4.52
CA GLN A 139 -5.92 22.28 3.91
C GLN A 139 -5.04 23.40 3.38
N ARG A 140 -4.01 23.78 4.14
CA ARG A 140 -3.12 24.85 3.66
C ARG A 140 -2.29 24.41 2.48
N GLN A 141 -2.07 23.10 2.29
CA GLN A 141 -1.42 22.65 1.07
C GLN A 141 -2.38 22.71 -0.11
N ARG A 142 -3.68 22.52 0.14
CA ARG A 142 -4.65 22.75 -0.91
C ARG A 142 -4.81 24.23 -1.20
N VAL A 143 -4.79 25.07 -0.15
CA VAL A 143 -4.86 26.51 -0.34
C VAL A 143 -3.64 27.01 -1.11
N ALA A 144 -2.47 26.52 -0.75
CA ALA A 144 -1.25 26.96 -1.42
C ALA A 144 -1.26 26.57 -2.86
N LEU A 145 -1.84 25.43 -3.15
CA LEU A 145 -1.96 25.05 -4.51
C LEU A 145 -2.83 26.06 -5.16
N GLY A 146 -3.94 26.37 -4.53
CA GLY A 146 -4.91 27.30 -5.09
C GLY A 146 -4.44 28.65 -5.55
N ARG A 147 -3.48 29.23 -4.86
CA ARG A 147 -2.92 30.50 -5.29
C ARG A 147 -2.18 30.36 -6.60
N ALA A 148 -1.94 29.15 -7.03
CA ALA A 148 -1.25 28.93 -8.25
C ALA A 148 -2.21 28.69 -9.38
N ILE A 149 -3.32 28.02 -9.14
CA ILE A 149 -4.29 27.89 -10.24
C ILE A 149 -4.82 29.25 -10.70
N VAL A 150 -4.90 30.22 -9.78
CA VAL A 150 -5.39 31.55 -10.16
C VAL A 150 -4.35 32.31 -10.96
N ARG A 151 -3.14 31.76 -11.12
CA ARG A 151 -2.09 32.45 -11.84
C ARG A 151 -2.14 32.16 -13.31
N ASN A 152 -2.85 31.08 -13.72
CA ASN A 152 -2.82 30.53 -15.06
C ASN A 152 -1.42 30.72 -15.62
N PRO A 153 -0.43 30.03 -15.09
CA PRO A 153 0.94 30.30 -15.51
C PRO A 153 1.31 29.53 -16.77
N LYS A 154 2.57 29.67 -17.17
CA LYS A 154 3.11 28.88 -18.26
C LYS A 154 3.74 27.59 -17.76
N VAL A 155 4.22 27.59 -16.52
CA VAL A 155 4.75 26.38 -15.89
C VAL A 155 4.39 26.43 -14.40
N PHE A 156 4.08 25.25 -13.86
CA PHE A 156 3.94 25.07 -12.42
C PHE A 156 5.21 24.47 -11.87
N LEU A 157 5.64 24.95 -10.71
CA LEU A 157 6.84 24.45 -10.05
C LEU A 157 6.49 23.98 -8.66
N MET A 158 6.77 22.71 -8.38
CA MET A 158 6.38 22.08 -7.12
C MET A 158 7.61 21.43 -6.52
N ASP A 159 8.01 21.88 -5.34
CA ASP A 159 9.17 21.35 -4.62
C ASP A 159 8.65 20.63 -3.39
N GLU A 160 8.53 19.30 -3.51
CA GLU A 160 8.10 18.41 -2.43
C GLU A 160 6.90 18.98 -1.68
N PRO A 161 5.80 19.29 -2.36
CA PRO A 161 4.67 19.97 -1.70
C PRO A 161 3.84 19.04 -0.85
N LEU A 162 4.10 17.74 -0.91
CA LEU A 162 3.34 16.74 -0.18
C LEU A 162 4.21 16.05 0.86
N SER A 163 5.16 16.81 1.41
CA SER A 163 6.07 16.30 2.43
C SER A 163 5.55 16.57 3.83
N ASN A 164 4.72 17.59 4.00
CA ASN A 164 4.13 17.95 5.28
C ASN A 164 2.86 17.17 5.59
N LEU A 165 2.55 16.16 4.80
CA LEU A 165 1.38 15.34 4.99
C LEU A 165 1.75 13.97 5.54
N ASP A 166 0.77 13.29 6.10
CA ASP A 166 0.93 11.97 6.64
C ASP A 166 0.57 10.94 5.57
N ALA A 167 0.75 9.65 5.90
CA ALA A 167 0.77 8.60 4.89
C ALA A 167 -0.46 8.65 3.97
N LYS A 168 -1.66 8.52 4.50
CA LYS A 168 -2.82 8.44 3.60
C LYS A 168 -3.08 9.70 2.83
N LEU A 169 -2.97 10.84 3.47
CA LEU A 169 -3.23 12.11 2.82
C LEU A 169 -2.38 12.35 1.59
N ARG A 170 -1.11 12.00 1.65
CA ARG A 170 -0.24 12.15 0.52
C ARG A 170 -0.86 11.56 -0.72
N VAL A 171 -1.19 10.28 -0.67
CA VAL A 171 -1.75 9.62 -1.86
C VAL A 171 -2.97 10.37 -2.36
N GLN A 172 -3.79 10.90 -1.45
CA GLN A 172 -4.99 11.62 -1.88
C GLN A 172 -4.70 12.90 -2.66
N MET A 173 -3.61 13.63 -2.35
CA MET A 173 -3.35 14.90 -3.01
C MET A 173 -2.45 14.77 -4.23
N ARG A 174 -1.72 13.66 -4.31
CA ARG A 174 -1.05 13.26 -5.53
C ARG A 174 -1.99 12.92 -6.65
N THR A 175 -3.01 12.10 -6.38
CA THR A 175 -3.97 11.79 -7.41
C THR A 175 -4.77 13.02 -7.79
N GLU A 176 -4.87 13.97 -6.86
CA GLU A 176 -5.55 15.23 -7.17
C GLU A 176 -4.68 16.10 -8.06
N ILE A 177 -3.36 16.04 -7.89
CA ILE A 177 -2.46 16.75 -8.79
C ILE A 177 -2.46 16.10 -10.17
N SER A 178 -2.42 14.77 -10.23
CA SER A 178 -2.49 14.09 -11.51
C SER A 178 -3.81 14.39 -12.21
N LYS A 179 -4.91 14.44 -11.44
CA LYS A 179 -6.18 14.88 -11.99
C LYS A 179 -6.12 16.36 -12.34
N LEU A 180 -5.35 17.14 -11.58
CA LEU A 180 -5.24 18.58 -11.82
C LEU A 180 -4.49 18.87 -13.12
N HIS A 181 -3.34 18.24 -13.32
CA HIS A 181 -2.60 18.45 -14.57
C HIS A 181 -3.41 17.97 -15.77
N GLN A 182 -4.18 16.89 -15.60
CA GLN A 182 -5.06 16.42 -16.64
C GLN A 182 -6.19 17.40 -16.93
N ARG A 183 -6.39 18.39 -16.06
CA ARG A 183 -7.46 19.37 -16.20
C ARG A 183 -6.97 20.70 -16.77
N LEU A 184 -5.87 21.23 -16.23
CA LEU A 184 -5.38 22.51 -16.73
C LEU A 184 -4.55 22.34 -17.99
N GLN A 185 -3.95 21.16 -18.17
CA GLN A 185 -3.09 20.87 -19.33
C GLN A 185 -2.03 21.96 -19.50
N THR A 186 -1.31 22.21 -18.40
CA THR A 186 -0.16 23.11 -18.37
C THR A 186 1.06 22.30 -17.97
N THR A 187 2.24 22.73 -18.43
CA THR A 187 3.48 22.06 -18.02
C THR A 187 3.62 22.07 -16.50
N PHE A 188 4.00 20.92 -15.95
CA PHE A 188 4.30 20.78 -14.54
C PHE A 188 5.74 20.28 -14.40
N ILE A 189 6.47 20.83 -13.42
CA ILE A 189 7.76 20.29 -13.01
C ILE A 189 7.69 20.03 -11.51
N TYR A 190 7.74 18.76 -11.13
CA TYR A 190 7.50 18.31 -9.77
C TYR A 190 8.75 17.61 -9.27
N VAL A 191 9.19 18.01 -8.08
CA VAL A 191 10.33 17.40 -7.41
C VAL A 191 9.82 16.70 -6.16
N THR A 192 10.13 15.41 -6.02
CA THR A 192 9.81 14.73 -4.77
C THR A 192 10.84 13.66 -4.44
N HIS A 193 10.97 13.43 -3.14
CA HIS A 193 11.90 12.45 -2.58
C HIS A 193 11.44 11.03 -2.84
N ASP A 194 10.15 10.77 -2.66
CA ASP A 194 9.60 9.44 -2.82
C ASP A 194 9.75 8.94 -4.26
N GLN A 195 10.11 7.67 -4.39
CA GLN A 195 10.27 7.04 -5.70
C GLN A 195 8.93 6.55 -6.29
N THR A 196 7.98 6.18 -5.44
CA THR A 196 6.74 5.49 -5.81
C THR A 196 5.90 6.21 -6.86
N GLU A 197 6.17 7.48 -7.13
CA GLU A 197 5.40 8.25 -8.10
C GLU A 197 6.11 8.35 -9.42
N ALA A 198 7.27 7.72 -9.51
CA ALA A 198 7.73 7.31 -10.82
C ALA A 198 6.65 6.46 -11.46
N LEU A 199 6.07 5.59 -10.66
CA LEU A 199 5.06 4.67 -11.17
C LEU A 199 3.66 5.24 -11.11
N THR A 200 3.50 6.42 -10.55
CA THR A 200 2.16 6.98 -10.40
C THR A 200 1.86 8.24 -11.19
N MET A 201 2.72 9.27 -11.13
CA MET A 201 2.29 10.63 -11.49
C MET A 201 2.66 11.14 -12.88
N GLY A 202 3.93 11.02 -13.25
CA GLY A 202 4.49 11.89 -14.27
C GLY A 202 4.40 11.36 -15.69
N THR A 203 4.33 12.31 -16.63
CA THR A 203 4.47 11.95 -18.04
C THR A 203 5.86 11.38 -18.32
N ARG A 204 6.90 12.12 -17.97
CA ARG A 204 8.28 11.66 -18.09
C ARG A 204 9.01 11.98 -16.78
N ILE A 205 10.01 11.17 -16.47
CA ILE A 205 10.72 11.25 -15.20
C ILE A 205 12.22 11.40 -15.43
N VAL A 206 12.86 12.21 -14.59
CA VAL A 206 14.31 12.43 -14.64
C VAL A 206 14.91 11.91 -13.34
N VAL A 207 15.73 10.87 -13.45
CA VAL A 207 16.46 10.33 -12.31
C VAL A 207 17.82 11.01 -12.29
N MET A 208 18.16 11.63 -11.16
CA MET A 208 19.41 12.33 -11.01
C MET A 208 20.26 11.69 -9.92
N LYS A 209 21.57 11.75 -10.12
CA LYS A 209 22.54 11.14 -9.21
C LYS A 209 23.79 12.01 -9.20
N ASP A 210 24.18 12.45 -8.00
CA ASP A 210 25.42 13.20 -7.79
C ASP A 210 25.58 14.35 -8.79
N GLY A 211 24.47 14.95 -9.20
CA GLY A 211 24.49 16.09 -10.09
C GLY A 211 24.19 15.78 -11.54
N TYR A 212 24.22 14.51 -11.94
CA TYR A 212 24.08 14.12 -13.34
C TYR A 212 22.69 13.53 -13.57
N ILE A 213 22.17 13.72 -14.78
CA ILE A 213 20.92 13.06 -15.16
C ILE A 213 21.28 11.63 -15.55
N GLN A 214 20.66 10.67 -14.85
CA GLN A 214 20.93 9.28 -15.16
C GLN A 214 20.09 8.81 -16.34
N GLN A 215 18.80 9.15 -16.32
CA GLN A 215 17.88 8.65 -17.32
C GLN A 215 16.66 9.55 -17.34
N VAL A 216 16.10 9.74 -18.53
CA VAL A 216 14.85 10.45 -18.75
C VAL A 216 13.97 9.52 -19.55
N ASP A 217 12.89 9.02 -18.94
CA ASP A 217 12.03 8.09 -19.66
C ASP A 217 10.64 8.07 -19.05
N THR A 218 9.73 7.42 -19.75
CA THR A 218 8.36 7.24 -19.28
C THR A 218 8.36 6.25 -18.10
N PRO A 219 7.38 6.37 -17.20
CA PRO A 219 7.31 5.44 -16.06
C PRO A 219 7.54 3.97 -16.37
N THR A 220 6.81 3.36 -17.33
CA THR A 220 7.06 1.96 -17.67
C THR A 220 8.49 1.73 -18.09
N ASN A 221 8.99 2.58 -19.01
CA ASN A 221 10.32 2.38 -19.56
C ASN A 221 11.40 2.60 -18.53
N LEU A 222 11.19 3.59 -17.65
CA LEU A 222 12.08 3.78 -16.50
C LEU A 222 12.13 2.51 -15.66
N TYR A 223 10.97 1.90 -15.40
CA TYR A 223 10.89 0.72 -14.55
C TYR A 223 11.46 -0.53 -15.22
N GLU A 224 11.26 -0.67 -16.54
CA GLU A 224 11.55 -1.93 -17.20
C GLU A 224 12.88 -1.93 -17.93
N ARG A 225 13.45 -0.77 -18.22
CA ARG A 225 14.73 -0.68 -18.90
C ARG A 225 15.58 0.38 -18.21
N PRO A 226 16.07 0.09 -17.00
CA PRO A 226 17.00 1.01 -16.36
C PRO A 226 18.34 0.95 -17.09
N CYS A 227 18.99 2.10 -17.17
CA CYS A 227 20.22 2.19 -17.94
C CYS A 227 21.44 1.81 -17.13
N ASN A 228 21.36 1.91 -15.80
CA ASN A 228 22.46 1.51 -14.93
C ASN A 228 21.91 0.92 -13.65
N MET A 229 22.81 0.40 -12.83
CA MET A 229 22.43 -0.24 -11.58
C MET A 229 21.72 0.73 -10.64
N PHE A 230 22.01 2.03 -10.76
CA PHE A 230 21.40 2.99 -9.86
C PHE A 230 19.91 3.15 -10.15
N VAL A 231 19.58 3.49 -11.39
CA VAL A 231 18.17 3.56 -11.79
C VAL A 231 17.47 2.25 -11.48
N ALA A 232 18.16 1.13 -11.71
CA ALA A 232 17.57 -0.18 -11.44
C ALA A 232 17.26 -0.35 -9.96
N GLY A 233 18.19 0.03 -9.09
CA GLY A 233 18.02 -0.11 -7.66
C GLY A 233 17.42 1.06 -6.94
N PHE A 234 17.08 2.14 -7.64
CA PHE A 234 16.44 3.30 -7.05
C PHE A 234 14.95 3.32 -7.29
N ILE A 235 14.51 2.77 -8.42
CA ILE A 235 13.11 2.76 -8.82
C ILE A 235 12.53 1.37 -8.58
N GLY A 236 11.40 1.32 -7.90
CA GLY A 236 10.80 0.04 -7.58
C GLY A 236 11.08 -0.36 -6.15
N SER A 237 10.05 -0.84 -5.45
CA SER A 237 10.21 -1.31 -4.10
C SER A 237 9.48 -2.64 -3.93
N PRO A 238 10.07 -3.60 -3.19
CA PRO A 238 11.41 -3.53 -2.61
C PRO A 238 12.50 -3.50 -3.68
N GLN A 239 13.72 -3.12 -3.28
CA GLN A 239 14.80 -2.93 -4.23
C GLN A 239 15.02 -4.18 -5.08
N MET A 240 15.41 -3.96 -6.33
CA MET A 240 15.74 -5.07 -7.23
C MET A 240 16.90 -5.89 -6.66
N ASN A 241 16.82 -7.21 -6.82
CA ASN A 241 17.85 -8.10 -6.31
C ASN A 241 19.08 -8.07 -7.22
N PHE A 242 20.27 -8.05 -6.61
CA PHE A 242 21.53 -8.00 -7.33
C PHE A 242 22.49 -9.07 -6.81
N VAL A 243 23.09 -9.83 -7.73
CA VAL A 243 24.17 -10.75 -7.41
C VAL A 243 25.23 -10.63 -8.48
N ASN A 244 26.48 -10.92 -8.10
CA ASN A 244 27.51 -11.13 -9.09
C ASN A 244 27.27 -12.47 -9.78
N ALA A 245 27.31 -12.46 -11.11
CA ALA A 245 27.15 -13.66 -11.90
C ALA A 245 28.14 -13.65 -13.05
N ARG A 246 28.46 -14.83 -13.55
CA ARG A 246 29.29 -15.00 -14.73
C ARG A 246 28.43 -15.56 -15.85
N ILE A 247 28.53 -14.97 -17.02
CA ILE A 247 27.84 -15.48 -18.20
C ILE A 247 28.67 -16.57 -18.82
N GLU A 248 28.01 -17.63 -19.28
CA GLU A 248 28.67 -18.82 -19.78
C GLU A 248 27.92 -19.34 -20.99
N LYS A 249 28.65 -19.66 -22.06
CA LYS A 249 28.08 -20.17 -23.29
C LYS A 249 28.25 -21.69 -23.32
N ARG A 250 27.12 -22.41 -23.29
CA ARG A 250 27.10 -23.86 -23.40
C ARG A 250 26.20 -24.22 -24.57
N GLY A 251 26.81 -24.79 -25.61
CA GLY A 251 26.10 -24.91 -26.87
C GLY A 251 25.79 -23.53 -27.37
N ASP A 252 24.62 -23.38 -27.98
CA ASP A 252 24.16 -22.05 -28.32
C ASP A 252 23.29 -21.45 -27.23
N GLU A 253 22.96 -22.21 -26.19
CA GLU A 253 22.30 -21.63 -25.03
C GLU A 253 23.26 -20.68 -24.33
N MET A 254 22.69 -19.75 -23.57
CA MET A 254 23.47 -18.84 -22.74
C MET A 254 22.94 -18.91 -21.33
N HIS A 255 23.84 -19.17 -20.38
CA HIS A 255 23.47 -19.39 -18.99
C HIS A 255 24.13 -18.33 -18.12
N LEU A 256 23.53 -18.09 -16.97
CA LEU A 256 24.08 -17.21 -15.95
C LEU A 256 24.27 -18.00 -14.67
N LEU A 257 25.47 -17.91 -14.10
CA LEU A 257 25.84 -18.68 -12.92
C LEU A 257 26.27 -17.77 -11.78
N PHE A 258 25.68 -17.98 -10.61
CA PHE A 258 26.01 -17.28 -9.38
C PHE A 258 25.88 -18.30 -8.26
N GLY A 259 26.94 -18.45 -7.47
CA GLY A 259 26.94 -19.55 -6.52
C GLY A 259 26.85 -20.89 -7.23
N LYS A 260 26.05 -21.79 -6.68
CA LYS A 260 25.85 -23.11 -7.27
C LYS A 260 24.69 -23.16 -8.24
N GLN A 261 24.08 -22.04 -8.58
CA GLN A 261 22.89 -22.07 -9.41
C GLN A 261 23.18 -21.54 -10.81
N ASP A 262 22.32 -21.95 -11.74
CA ASP A 262 22.53 -21.76 -13.17
C ASP A 262 21.19 -21.42 -13.81
N ILE A 263 21.06 -20.21 -14.32
CA ILE A 263 19.81 -19.75 -14.94
C ILE A 263 20.08 -19.53 -16.42
N LYS A 264 19.24 -20.13 -17.26
CA LYS A 264 19.39 -20.11 -18.70
C LYS A 264 18.51 -19.02 -19.31
N LEU A 265 19.13 -18.11 -20.04
CA LEU A 265 18.41 -17.05 -20.72
C LEU A 265 17.74 -17.60 -21.97
N PRO A 266 16.64 -16.98 -22.41
CA PRO A 266 15.90 -17.50 -23.56
C PRO A 266 16.59 -17.15 -24.87
N GLU A 267 16.26 -17.93 -25.90
CA GLU A 267 16.80 -17.65 -27.22
C GLU A 267 16.45 -16.23 -27.64
N GLY A 268 17.47 -15.38 -27.71
CA GLY A 268 17.31 -13.97 -27.99
C GLY A 268 18.24 -13.11 -27.15
N LYS A 269 18.92 -13.72 -26.19
CA LYS A 269 19.93 -13.01 -25.41
C LYS A 269 21.32 -13.55 -25.74
N SER A 275 24.70 -11.66 -26.03
CA SER A 275 24.89 -12.45 -27.25
C SER A 275 26.36 -12.70 -27.51
N SER A 276 27.17 -11.66 -27.35
CA SER A 276 28.60 -11.77 -27.63
C SER A 276 29.32 -10.57 -27.05
N GLU A 277 30.62 -10.76 -26.80
CA GLU A 277 31.59 -9.78 -26.31
C GLU A 277 31.42 -9.45 -24.83
N TYR A 278 30.60 -10.21 -24.11
CA TYR A 278 30.61 -10.20 -22.64
C TYR A 278 30.66 -11.60 -22.07
N VAL A 279 30.69 -12.62 -22.91
CA VAL A 279 30.55 -14.00 -22.45
C VAL A 279 31.84 -14.48 -21.79
N GLY A 280 31.67 -15.25 -20.72
CA GLY A 280 32.76 -15.75 -19.92
C GLY A 280 33.22 -14.82 -18.83
N ARG A 281 32.63 -13.64 -18.71
CA ARG A 281 33.11 -12.67 -17.75
C ARG A 281 32.10 -12.45 -16.60
N GLU A 282 32.57 -11.82 -15.51
CA GLU A 282 31.71 -11.65 -14.34
C GLU A 282 30.84 -10.42 -14.50
N VAL A 283 29.53 -10.60 -14.31
CA VAL A 283 28.52 -9.57 -14.53
C VAL A 283 27.74 -9.41 -13.21
N VAL A 284 26.94 -8.35 -13.13
CA VAL A 284 25.99 -8.21 -12.03
C VAL A 284 24.61 -8.48 -12.58
N MET A 285 23.89 -9.40 -11.95
CA MET A 285 22.56 -9.78 -12.38
C MET A 285 21.53 -9.00 -11.57
N GLY A 286 20.48 -8.56 -12.26
CA GLY A 286 19.39 -7.84 -11.60
C GLY A 286 18.03 -8.37 -11.96
N ILE A 287 17.27 -8.84 -10.96
CA ILE A 287 15.91 -9.31 -11.17
C ILE A 287 15.04 -8.73 -10.06
N ARG A 288 13.85 -8.27 -10.44
CA ARG A 288 12.95 -7.69 -9.45
C ARG A 288 12.17 -8.78 -8.74
N PRO A 289 11.73 -8.52 -7.50
CA PRO A 289 11.00 -9.55 -6.74
C PRO A 289 9.81 -10.15 -7.47
N GLU A 290 8.98 -9.34 -8.13
CA GLU A 290 7.82 -9.89 -8.82
C GLU A 290 8.18 -10.80 -9.97
N ASN A 291 9.45 -10.96 -10.27
CA ASN A 291 9.91 -11.91 -11.26
C ASN A 291 10.57 -13.14 -10.66
N ILE A 292 10.67 -13.23 -9.33
CA ILE A 292 11.05 -14.46 -8.63
C ILE A 292 9.75 -14.97 -8.03
N ARG A 293 9.07 -15.87 -8.71
CA ARG A 293 7.71 -16.14 -8.27
C ARG A 293 7.43 -17.63 -8.30
N ASP A 294 6.58 -18.04 -7.36
CA ASP A 294 6.40 -19.42 -6.94
C ASP A 294 5.14 -20.11 -7.44
N GLU A 295 4.33 -19.46 -8.29
CA GLU A 295 3.10 -20.06 -8.81
C GLU A 295 3.41 -21.28 -9.69
N GLU A 296 2.61 -22.35 -9.54
CA GLU A 296 2.99 -23.62 -10.13
C GLU A 296 2.97 -23.56 -11.66
N ILE A 297 2.32 -22.55 -12.22
CA ILE A 297 2.46 -22.23 -13.63
C ILE A 297 3.92 -22.00 -13.99
N TYR A 298 4.65 -21.27 -13.13
CA TYR A 298 6.03 -20.92 -13.46
C TYR A 298 6.96 -22.13 -13.40
N LEU A 299 6.79 -22.99 -12.39
CA LEU A 299 7.69 -24.11 -12.18
C LEU A 299 7.54 -25.19 -13.25
N GLU A 300 6.44 -25.19 -14.01
CA GLU A 300 6.28 -26.17 -15.07
C GLU A 300 6.79 -25.66 -16.41
N SER A 301 6.52 -24.39 -16.73
CA SER A 301 7.01 -23.83 -17.98
C SER A 301 8.51 -23.55 -17.89
N MET A 302 8.96 -22.94 -16.78
CA MET A 302 10.34 -22.55 -16.55
C MET A 302 11.06 -23.49 -15.59
N SER A 303 10.80 -24.80 -15.70
CA SER A 303 11.46 -25.77 -14.85
C SER A 303 12.98 -25.61 -14.91
N GLU A 304 13.52 -25.26 -16.09
CA GLU A 304 14.97 -25.13 -16.25
C GLU A 304 15.56 -24.12 -15.27
N ASN A 305 14.79 -23.11 -14.88
CA ASN A 305 15.27 -22.01 -14.06
C ASN A 305 14.57 -21.98 -12.70
N VAL A 306 14.31 -23.15 -12.13
CA VAL A 306 13.72 -23.26 -10.80
C VAL A 306 14.87 -23.35 -9.79
N VAL A 307 14.72 -22.63 -8.68
CA VAL A 307 15.75 -22.53 -7.66
C VAL A 307 15.13 -22.83 -6.30
N GLU A 308 15.85 -23.60 -5.48
CA GLU A 308 15.42 -23.87 -4.12
C GLU A 308 16.07 -22.86 -3.18
N GLY A 309 15.26 -22.22 -2.35
CA GLY A 309 15.76 -21.22 -1.42
C GLY A 309 15.13 -21.41 -0.06
N ARG A 310 15.90 -21.07 0.97
CA ARG A 310 15.47 -21.24 2.36
C ARG A 310 14.80 -19.96 2.82
N VAL A 311 13.48 -20.03 3.07
CA VAL A 311 12.72 -18.88 3.52
C VAL A 311 13.15 -18.50 4.94
N GLU A 312 13.26 -17.20 5.20
CA GLU A 312 13.66 -16.70 6.51
C GLU A 312 12.66 -15.73 7.11
N VAL A 313 12.07 -14.85 6.30
CA VAL A 313 11.01 -13.97 6.76
C VAL A 313 10.00 -13.79 5.63
N VAL A 314 8.72 -13.80 5.99
CA VAL A 314 7.63 -13.53 5.06
C VAL A 314 6.76 -12.44 5.66
N GLU A 315 6.20 -11.61 4.79
CA GLU A 315 5.39 -10.48 5.21
C GLU A 315 4.13 -10.45 4.36
N MET A 316 2.99 -10.70 5.00
CA MET A 316 1.70 -10.67 4.31
C MET A 316 1.11 -9.28 4.42
N LEU A 317 0.72 -8.72 3.29
CA LEU A 317 0.24 -7.35 3.21
C LEU A 317 -1.17 -7.23 2.67
N GLY A 318 -1.77 -8.31 2.20
CA GLY A 318 -3.10 -8.31 1.61
C GLY A 318 -3.05 -7.98 0.14
N SER A 319 -2.22 -7.00 -0.23
CA SER A 319 -1.93 -6.71 -1.62
C SER A 319 -0.91 -7.68 -2.19
N GLU A 320 -0.01 -8.19 -1.34
CA GLU A 320 1.10 -9.00 -1.81
C GLU A 320 1.56 -9.88 -0.66
N THR A 321 2.52 -10.76 -0.98
CA THR A 321 3.28 -11.49 0.01
C THR A 321 4.74 -11.30 -0.34
N LEU A 322 5.51 -10.80 0.61
CA LEU A 322 6.94 -10.62 0.40
C LEU A 322 7.67 -11.76 1.09
N ILE A 323 8.49 -12.48 0.33
CA ILE A 323 9.21 -13.63 0.83
C ILE A 323 10.70 -13.32 0.75
N TYR A 324 11.38 -13.42 1.89
CA TYR A 324 12.80 -13.14 2.01
C TYR A 324 13.55 -14.46 2.21
N MET A 325 14.44 -14.78 1.29
CA MET A 325 15.08 -16.09 1.23
C MET A 325 16.58 -15.93 1.01
N VAL A 326 17.32 -16.99 1.32
CA VAL A 326 18.74 -17.10 1.04
C VAL A 326 18.93 -18.30 0.11
N ILE A 327 19.87 -18.20 -0.82
CA ILE A 327 20.04 -19.30 -1.77
C ILE A 327 21.30 -20.09 -1.41
N ASP A 328 22.48 -19.48 -1.52
CA ASP A 328 23.72 -20.11 -1.05
C ASP A 328 24.45 -19.27 -0.03
N ASP A 329 24.64 -18.01 -0.36
CA ASP A 329 25.25 -17.08 0.58
C ASP A 329 24.57 -15.81 0.19
N PHE A 330 23.78 -15.89 -0.87
CA PHE A 330 23.12 -14.72 -1.38
C PHE A 330 21.72 -14.58 -0.89
N GLU A 331 21.25 -13.35 -0.80
CA GLU A 331 19.91 -13.11 -0.31
C GLU A 331 19.04 -12.58 -1.42
N PHE A 332 17.76 -12.95 -1.39
CA PHE A 332 16.85 -12.55 -2.42
C PHE A 332 15.46 -12.33 -1.83
N THR A 333 14.69 -11.42 -2.38
CA THR A 333 13.30 -11.19 -1.99
C THR A 333 12.38 -11.33 -3.20
N ALA A 334 11.19 -11.89 -2.97
CA ALA A 334 10.21 -12.16 -4.00
C ALA A 334 8.85 -11.61 -3.57
N ARG A 335 8.06 -11.16 -4.55
CA ARG A 335 6.71 -10.67 -4.27
C ARG A 335 5.75 -11.58 -5.03
N VAL A 336 4.86 -12.24 -4.29
CA VAL A 336 3.92 -13.20 -4.84
C VAL A 336 2.52 -12.91 -4.27
N ASN A 337 1.58 -13.78 -4.61
CA ASN A 337 0.16 -13.52 -4.34
C ASN A 337 -0.13 -13.40 -2.84
N PRO A 338 -1.27 -12.78 -2.47
CA PRO A 338 -1.45 -12.29 -1.09
C PRO A 338 -1.29 -13.31 0.03
N ARG A 339 -1.73 -14.55 -0.13
CA ARG A 339 -1.71 -15.50 1.00
C ARG A 339 -0.88 -16.71 0.59
N SER A 340 0.43 -16.60 0.75
CA SER A 340 1.26 -17.73 0.44
C SER A 340 1.35 -18.64 1.66
N LYS A 341 1.71 -19.89 1.42
CA LYS A 341 1.83 -20.82 2.53
C LYS A 341 3.24 -20.92 3.04
N ALA A 342 4.22 -20.38 2.30
CA ALA A 342 5.60 -20.42 2.73
C ALA A 342 5.75 -19.71 4.06
N ARG A 343 6.54 -20.30 4.94
CA ARG A 343 6.77 -19.78 6.27
C ARG A 343 8.23 -19.96 6.64
N PRO A 344 8.74 -19.16 7.58
CA PRO A 344 10.17 -19.25 7.94
C PRO A 344 10.58 -20.66 8.32
N GLY A 345 11.69 -21.11 7.74
CA GLY A 345 12.25 -22.43 7.98
C GLY A 345 12.08 -23.37 6.81
N ASP A 346 11.03 -23.19 6.01
CA ASP A 346 10.80 -24.01 4.85
C ASP A 346 11.75 -23.61 3.72
N VAL A 347 11.90 -24.51 2.76
CA VAL A 347 12.60 -24.22 1.52
C VAL A 347 11.56 -24.19 0.41
N ILE A 348 11.64 -23.15 -0.41
CA ILE A 348 10.63 -22.84 -1.39
C ILE A 348 11.21 -23.10 -2.77
N LYS A 349 10.36 -23.51 -3.70
CA LYS A 349 10.78 -23.68 -5.08
C LYS A 349 10.26 -22.49 -5.88
N VAL A 350 11.17 -21.53 -6.17
CA VAL A 350 10.86 -20.31 -6.92
C VAL A 350 11.34 -20.51 -8.35
N ALA A 351 10.65 -19.86 -9.27
CA ALA A 351 11.08 -19.78 -10.66
C ALA A 351 11.63 -18.39 -10.95
N PHE A 352 12.81 -18.34 -11.56
CA PHE A 352 13.41 -17.09 -12.03
C PHE A 352 12.96 -16.85 -13.46
N ASP A 353 12.26 -15.74 -13.69
CA ASP A 353 11.75 -15.39 -15.03
C ASP A 353 12.91 -14.83 -15.84
N ALA A 354 13.49 -15.68 -16.69
CA ALA A 354 14.68 -15.27 -17.44
C ALA A 354 14.43 -14.06 -18.35
N ASN A 355 13.22 -13.90 -18.87
CA ASN A 355 12.92 -12.80 -19.79
C ASN A 355 12.96 -11.44 -19.13
N LYS A 356 13.11 -11.36 -17.80
CA LYS A 356 13.09 -10.07 -17.12
C LYS A 356 14.35 -9.88 -16.28
N ILE A 357 15.45 -10.52 -16.65
CA ILE A 357 16.71 -10.34 -15.95
C ILE A 357 17.51 -9.22 -16.60
N HIS A 358 18.10 -8.39 -15.75
CA HIS A 358 18.96 -7.30 -16.18
C HIS A 358 20.41 -7.64 -15.87
N LEU A 359 21.30 -7.31 -16.80
CA LEU A 359 22.72 -7.61 -16.69
C LEU A 359 23.51 -6.32 -16.85
N PHE A 360 24.37 -6.04 -15.88
CA PHE A 360 25.16 -4.81 -15.84
C PHE A 360 26.64 -5.15 -15.85
N ASP A 361 27.44 -4.19 -16.31
CA ASP A 361 28.89 -4.33 -16.21
C ASP A 361 29.29 -4.28 -14.74
N LYS A 362 30.17 -5.19 -14.34
CA LYS A 362 30.59 -5.28 -12.95
C LYS A 362 31.36 -4.05 -12.49
N GLU A 363 32.14 -3.46 -13.39
CA GLU A 363 32.97 -2.29 -13.10
C GLU A 363 32.26 -1.03 -13.53
N THR A 364 31.86 -0.98 -14.80
CA THR A 364 31.21 0.20 -15.38
C THR A 364 29.83 0.43 -14.78
N GLU A 365 29.16 -0.63 -14.33
CA GLU A 365 27.85 -0.61 -13.68
C GLU A 365 26.72 -0.09 -14.58
N LYS A 366 26.92 -0.09 -15.88
CA LYS A 366 25.87 0.29 -16.81
C LYS A 366 25.34 -0.93 -17.55
N THR A 367 24.12 -0.81 -18.07
CA THR A 367 23.40 -1.98 -18.56
C THR A 367 24.04 -2.51 -19.85
N ILE A 368 24.06 -3.84 -20.01
CA ILE A 368 24.66 -4.43 -21.21
C ILE A 368 23.70 -4.39 -22.41
N MET A 369 22.39 -4.52 -22.17
CA MET A 369 21.41 -4.31 -23.23
C MET A 369 20.66 -3.00 -23.03
N SER B 3 -6.96 -19.41 28.89
CA SER B 3 -8.07 -19.98 28.14
C SER B 3 -9.39 -19.31 28.54
N VAL B 4 -10.21 -18.98 27.55
CA VAL B 4 -11.53 -18.42 27.79
C VAL B 4 -12.51 -19.12 26.85
N LYS B 5 -13.68 -19.47 27.39
CA LYS B 5 -14.70 -20.20 26.64
C LYS B 5 -16.03 -19.48 26.76
N LEU B 6 -16.74 -19.34 25.64
CA LEU B 6 -18.08 -18.76 25.62
C LEU B 6 -19.03 -19.82 25.09
N LYS B 7 -19.87 -20.36 25.97
CA LYS B 7 -20.80 -21.43 25.65
C LYS B 7 -22.20 -20.85 25.47
N GLY B 8 -22.67 -20.81 24.22
CA GLY B 8 -24.02 -20.39 23.92
C GLY B 8 -24.39 -19.03 24.48
N VAL B 9 -23.58 -18.02 24.21
CA VAL B 9 -23.75 -16.70 24.83
C VAL B 9 -24.69 -15.86 23.97
N TYR B 10 -25.67 -15.25 24.62
CA TYR B 10 -26.59 -14.32 23.97
C TYR B 10 -26.47 -12.96 24.67
N LYS B 11 -26.79 -11.91 23.93
CA LYS B 11 -27.07 -10.62 24.56
C LYS B 11 -28.20 -9.95 23.79
N ARG B 12 -29.23 -9.53 24.51
CA ARG B 12 -30.39 -8.87 23.94
C ARG B 12 -30.43 -7.43 24.42
N TYR B 13 -30.80 -6.54 23.52
CA TYR B 13 -30.88 -5.11 23.82
C TYR B 13 -32.26 -4.78 24.37
N PRO B 14 -32.42 -3.59 24.95
CA PRO B 14 -33.77 -3.09 25.26
C PRO B 14 -34.68 -3.22 24.06
N GLY B 15 -35.91 -3.67 24.31
CA GLY B 15 -36.87 -3.87 23.25
C GLY B 15 -36.89 -5.26 22.66
N GLY B 16 -36.09 -6.19 23.20
CA GLY B 16 -36.05 -7.55 22.71
C GLY B 16 -35.07 -7.79 21.59
N VAL B 17 -34.44 -6.73 21.07
CA VAL B 17 -33.51 -6.87 19.97
C VAL B 17 -32.30 -7.71 20.40
N THR B 18 -31.90 -8.65 19.55
CA THR B 18 -30.77 -9.53 19.82
C THR B 18 -29.50 -8.97 19.19
N ALA B 19 -28.53 -8.63 20.03
CA ALA B 19 -27.26 -8.07 19.56
C ALA B 19 -26.25 -9.17 19.23
N VAL B 20 -26.11 -10.15 20.11
CA VAL B 20 -25.25 -11.31 19.93
C VAL B 20 -26.13 -12.56 19.99
N ASN B 21 -26.05 -13.42 18.98
CA ASN B 21 -26.95 -14.56 18.84
C ASN B 21 -26.14 -15.86 18.89
N ASP B 22 -26.22 -16.56 20.03
CA ASP B 22 -25.59 -17.87 20.21
C ASP B 22 -24.12 -17.85 19.82
N PHE B 23 -23.35 -17.11 20.60
CA PHE B 23 -21.91 -17.04 20.38
C PHE B 23 -21.27 -18.23 21.10
N ASN B 24 -20.75 -19.18 20.32
CA ASN B 24 -20.06 -20.34 20.86
C ASN B 24 -18.70 -20.40 20.21
N LEU B 25 -17.66 -20.46 21.05
CA LEU B 25 -16.29 -20.49 20.57
C LEU B 25 -15.38 -20.78 21.74
N ASP B 26 -14.36 -21.59 21.52
CA ASP B 26 -13.43 -21.98 22.57
C ASP B 26 -12.05 -21.45 22.21
N ILE B 27 -11.66 -20.35 22.85
CA ILE B 27 -10.31 -19.82 22.70
C ILE B 27 -9.40 -20.64 23.61
N GLU B 28 -8.46 -21.37 23.02
CA GLU B 28 -7.46 -21.99 23.85
C GLU B 28 -6.48 -20.94 24.33
N ASP B 29 -5.83 -21.24 25.46
CA ASP B 29 -4.90 -20.29 26.06
C ASP B 29 -3.74 -20.02 25.11
N LYS B 30 -3.17 -18.82 25.23
CA LYS B 30 -2.03 -18.39 24.40
C LYS B 30 -2.42 -18.28 22.92
N GLU B 31 -3.60 -17.70 22.67
CA GLU B 31 -4.13 -17.58 21.32
C GLU B 31 -4.50 -16.13 21.03
N PHE B 32 -4.30 -15.72 19.78
CA PHE B 32 -4.66 -14.39 19.30
C PHE B 32 -5.89 -14.55 18.42
N ILE B 33 -7.04 -14.12 18.92
CA ILE B 33 -8.31 -14.22 18.19
C ILE B 33 -8.75 -12.81 17.84
N ILE B 34 -9.16 -12.62 16.58
CA ILE B 34 -9.61 -11.33 16.07
C ILE B 34 -11.10 -11.42 15.77
N LEU B 35 -11.84 -10.39 16.18
CA LEU B 35 -13.26 -10.26 15.90
C LEU B 35 -13.44 -9.19 14.82
N VAL B 36 -13.86 -9.60 13.62
CA VAL B 36 -14.13 -8.66 12.55
C VAL B 36 -15.60 -8.73 12.17
N GLY B 37 -16.09 -7.65 11.58
CA GLY B 37 -17.44 -7.58 11.09
C GLY B 37 -17.90 -6.14 10.92
N PRO B 38 -18.99 -5.94 10.19
CA PRO B 38 -19.53 -4.58 10.03
C PRO B 38 -19.96 -4.00 11.38
N SER B 39 -20.30 -2.71 11.36
CA SER B 39 -20.72 -2.06 12.59
C SER B 39 -22.06 -2.63 13.04
N GLY B 40 -22.22 -2.77 14.36
CA GLY B 40 -23.42 -3.37 14.89
C GLY B 40 -23.54 -4.85 14.66
N CYS B 41 -22.47 -5.51 14.20
CA CYS B 41 -22.46 -6.95 14.02
C CYS B 41 -22.29 -7.69 15.35
N GLY B 42 -22.28 -6.97 16.47
CA GLY B 42 -22.12 -7.57 17.77
C GLY B 42 -20.68 -7.82 18.18
N LYS B 43 -19.71 -7.49 17.34
CA LYS B 43 -18.32 -7.79 17.65
C LYS B 43 -17.83 -7.04 18.88
N THR B 44 -18.15 -5.74 18.99
CA THR B 44 -17.77 -4.98 20.17
C THR B 44 -18.55 -5.43 21.40
N THR B 45 -19.82 -5.80 21.23
CA THR B 45 -20.66 -6.17 22.36
C THR B 45 -20.08 -7.36 23.14
N THR B 46 -19.65 -8.41 22.43
CA THR B 46 -19.08 -9.56 23.12
C THR B 46 -17.86 -9.18 23.94
N LEU B 47 -17.00 -8.31 23.39
CA LEU B 47 -15.80 -7.89 24.11
C LEU B 47 -16.16 -7.24 25.44
N ARG B 48 -17.12 -6.30 25.41
CA ARG B 48 -17.59 -5.68 26.64
C ARG B 48 -18.15 -6.71 27.62
N MET B 49 -18.68 -7.82 27.11
CA MET B 49 -19.24 -8.85 27.98
C MET B 49 -18.15 -9.74 28.57
N VAL B 50 -17.12 -10.04 27.79
CA VAL B 50 -15.97 -10.75 28.34
C VAL B 50 -15.29 -9.91 29.42
N ALA B 51 -15.24 -8.59 29.20
CA ALA B 51 -14.64 -7.69 30.18
C ALA B 51 -15.53 -7.50 31.40
N GLY B 52 -16.83 -7.72 31.27
CA GLY B 52 -17.75 -7.48 32.36
C GLY B 52 -18.40 -6.12 32.37
N LEU B 53 -18.42 -5.40 31.24
CA LEU B 53 -19.01 -4.08 31.20
C LEU B 53 -20.48 -4.12 30.82
N GLU B 54 -20.89 -5.17 30.11
CA GLU B 54 -22.29 -5.48 29.89
C GLU B 54 -22.58 -6.84 30.51
N GLU B 55 -23.79 -7.00 31.01
CA GLU B 55 -24.16 -8.27 31.60
C GLU B 55 -24.52 -9.26 30.49
N ILE B 56 -24.38 -10.54 30.81
CA ILE B 56 -24.69 -11.60 29.85
C ILE B 56 -26.11 -12.06 30.11
N THR B 57 -26.99 -11.79 29.13
CA THR B 57 -28.39 -12.20 29.24
C THR B 57 -28.52 -13.71 29.36
N GLU B 58 -27.81 -14.46 28.52
CA GLU B 58 -27.91 -15.91 28.52
C GLU B 58 -26.59 -16.50 28.01
N GLY B 59 -26.23 -17.65 28.56
CA GLY B 59 -25.02 -18.35 28.19
C GLY B 59 -24.05 -18.42 29.35
N GLU B 60 -22.88 -18.99 29.05
CA GLU B 60 -21.82 -19.09 30.04
C GLU B 60 -20.50 -18.58 29.49
N LEU B 61 -19.69 -18.03 30.39
CA LEU B 61 -18.40 -17.45 30.08
C LEU B 61 -17.41 -17.96 31.11
N TYR B 62 -16.35 -18.62 30.65
CA TYR B 62 -15.34 -19.15 31.52
C TYR B 62 -13.99 -18.55 31.16
N ILE B 63 -13.20 -18.21 32.17
CA ILE B 63 -11.80 -17.84 32.01
C ILE B 63 -11.01 -18.89 32.75
N GLY B 64 -10.21 -19.66 32.01
CA GLY B 64 -9.60 -20.84 32.56
C GLY B 64 -10.66 -21.87 32.88
N ASP B 65 -10.88 -22.14 34.17
CA ASP B 65 -11.92 -23.05 34.62
C ASP B 65 -13.07 -22.35 35.32
N LYS B 66 -12.95 -21.06 35.62
CA LYS B 66 -13.86 -20.36 36.51
C LYS B 66 -14.98 -19.70 35.70
N LEU B 67 -16.21 -19.81 36.19
CA LEU B 67 -17.34 -19.15 35.56
C LEU B 67 -17.44 -17.72 36.07
N VAL B 68 -17.48 -16.76 35.15
CA VAL B 68 -17.28 -15.37 35.52
C VAL B 68 -18.44 -14.48 35.09
N ASN B 69 -19.58 -15.07 34.68
CA ASN B 69 -20.71 -14.27 34.20
C ASN B 69 -21.11 -13.20 35.21
N ASP B 70 -20.97 -13.49 36.50
CA ASP B 70 -21.35 -12.57 37.56
C ASP B 70 -20.14 -12.14 38.38
N VAL B 71 -18.97 -12.08 37.75
CA VAL B 71 -17.74 -11.65 38.40
C VAL B 71 -17.45 -10.22 37.98
N ALA B 72 -17.14 -9.37 38.95
CA ALA B 72 -16.86 -7.97 38.66
C ALA B 72 -15.64 -7.86 37.75
N PRO B 73 -15.62 -6.87 36.85
CA PRO B 73 -14.47 -6.72 35.93
C PRO B 73 -13.12 -6.71 36.63
N LYS B 74 -13.05 -6.11 37.82
CA LYS B 74 -11.77 -5.99 38.51
C LYS B 74 -11.26 -7.34 38.99
N ASP B 75 -12.16 -8.31 39.21
CA ASP B 75 -11.79 -9.62 39.71
C ASP B 75 -11.56 -10.65 38.60
N ARG B 76 -11.30 -10.23 37.36
CA ARG B 76 -11.10 -11.18 36.27
C ARG B 76 -9.65 -11.29 35.81
N ASP B 77 -8.74 -10.48 36.34
CA ASP B 77 -7.34 -10.44 35.92
C ASP B 77 -7.24 -10.31 34.40
N ILE B 78 -7.86 -9.25 33.89
CA ILE B 78 -7.87 -8.97 32.45
C ILE B 78 -7.42 -7.53 32.24
N ALA B 79 -6.59 -7.33 31.22
CA ALA B 79 -6.20 -6.00 30.80
C ALA B 79 -7.04 -5.61 29.61
N MET B 80 -7.63 -4.41 29.66
CA MET B 80 -8.57 -3.91 28.67
C MET B 80 -8.07 -2.59 28.12
N VAL B 81 -8.07 -2.48 26.79
CA VAL B 81 -7.89 -1.21 26.10
C VAL B 81 -9.11 -1.00 25.19
N PHE B 82 -9.94 -0.02 25.51
CA PHE B 82 -11.03 0.31 24.60
C PHE B 82 -10.87 1.74 24.14
N GLN B 83 -11.78 2.13 23.25
CA GLN B 83 -11.66 3.47 22.71
C GLN B 83 -12.12 4.54 23.68
N ASN B 84 -12.59 4.18 24.87
CA ASN B 84 -12.74 5.17 25.94
C ASN B 84 -11.50 5.22 26.81
N TYR B 85 -10.31 5.37 26.19
CA TYR B 85 -9.08 5.11 26.92
C TYR B 85 -8.90 6.12 28.06
N ALA B 86 -9.13 7.39 27.80
CA ALA B 86 -9.42 8.41 28.82
C ALA B 86 -8.40 8.41 29.97
N LEU B 87 -7.18 8.83 29.64
CA LEU B 87 -6.17 9.03 30.66
C LEU B 87 -6.53 10.23 31.55
N TYR B 88 -6.02 10.21 32.78
CA TYR B 88 -6.30 11.27 33.75
C TYR B 88 -5.52 12.54 33.39
N PRO B 89 -6.19 13.68 33.26
CA PRO B 89 -5.55 14.87 32.66
C PRO B 89 -4.35 15.41 33.44
N HIS B 90 -4.39 15.39 34.76
CA HIS B 90 -3.36 16.04 35.58
C HIS B 90 -2.38 15.05 36.18
N MET B 91 -2.02 14.02 35.41
CA MET B 91 -1.04 13.04 35.81
C MET B 91 0.01 12.91 34.71
N SER B 92 1.26 12.65 35.12
CA SER B 92 2.33 12.47 34.17
C SER B 92 2.12 11.20 33.36
N VAL B 93 2.79 11.12 32.20
CA VAL B 93 2.74 9.92 31.37
C VAL B 93 3.11 8.68 32.18
N PHE B 94 4.18 8.79 32.98
CA PHE B 94 4.60 7.68 33.82
C PHE B 94 3.50 7.24 34.76
N ASP B 95 3.05 8.15 35.63
CA ASP B 95 2.01 7.82 36.59
C ASP B 95 0.73 7.33 35.92
N ASN B 96 0.45 7.80 34.70
CA ASN B 96 -0.73 7.34 33.98
C ASN B 96 -0.56 5.93 33.44
N MET B 97 0.68 5.46 33.30
CA MET B 97 0.94 4.07 32.96
C MET B 97 1.23 3.19 34.16
N ALA B 98 1.47 3.80 35.32
CA ALA B 98 1.90 3.12 36.54
C ALA B 98 0.74 2.77 37.46
N PHE B 99 -0.49 2.74 36.95
CA PHE B 99 -1.64 2.49 37.81
C PHE B 99 -1.83 1.02 38.18
N GLY B 100 -0.76 0.21 38.11
CA GLY B 100 -0.82 -1.17 38.55
C GLY B 100 -0.74 -1.23 40.06
N LEU B 101 -1.70 -0.57 40.73
CA LEU B 101 -1.83 -0.58 42.18
C LEU B 101 -0.60 0.02 42.85
N PRO B 107 2.05 -4.44 43.51
CA PRO B 107 2.64 -3.35 42.72
C PRO B 107 4.15 -3.48 42.62
N LYS B 108 4.85 -3.45 43.76
CA LYS B 108 6.30 -3.54 43.80
C LYS B 108 6.94 -2.40 42.99
N ASP B 109 6.84 -1.20 43.53
CA ASP B 109 7.50 -0.06 42.91
C ASP B 109 9.00 -0.30 42.81
N GLU B 110 9.64 0.46 41.92
CA GLU B 110 11.05 0.48 41.53
C GLU B 110 11.40 -0.71 40.63
N ILE B 111 10.52 -1.68 40.48
CA ILE B 111 10.59 -2.59 39.34
C ILE B 111 9.50 -2.18 38.35
N LYS B 112 8.45 -1.53 38.84
CA LYS B 112 7.37 -1.04 37.97
C LYS B 112 7.95 -0.13 36.94
N ARG B 113 8.90 0.67 37.34
CA ARG B 113 9.52 1.61 36.44
C ARG B 113 10.23 0.95 35.30
N ARG B 114 10.91 -0.14 35.59
CA ARG B 114 11.67 -0.81 34.57
C ARG B 114 10.72 -1.28 33.51
N VAL B 115 9.62 -1.89 33.94
CA VAL B 115 8.71 -2.44 32.96
C VAL B 115 8.07 -1.31 32.19
N LEU B 116 7.77 -0.22 32.85
CA LEU B 116 7.17 0.92 32.18
C LEU B 116 8.10 1.61 31.20
N GLU B 117 9.39 1.64 31.50
CA GLU B 117 10.33 2.23 30.57
C GLU B 117 10.46 1.33 29.39
N ALA B 118 10.26 0.05 29.60
CA ALA B 118 10.34 -0.88 28.51
C ALA B 118 9.25 -0.61 27.54
N ALA B 119 8.19 0.07 27.94
CA ALA B 119 7.15 0.46 27.01
C ALA B 119 7.69 1.38 25.96
N LYS B 120 8.98 1.64 25.98
CA LYS B 120 9.62 2.38 24.91
C LYS B 120 9.31 1.79 23.55
N ILE B 121 8.79 0.55 23.53
CA ILE B 121 8.34 -0.11 22.31
C ILE B 121 7.30 0.75 21.60
N LEU B 122 6.53 1.52 22.37
CA LEU B 122 5.48 2.38 21.84
C LEU B 122 6.02 3.74 21.39
N ASP B 123 7.34 3.93 21.42
CA ASP B 123 8.00 5.19 21.05
C ASP B 123 7.39 6.38 21.80
N ILE B 124 7.23 6.23 23.12
CA ILE B 124 6.74 7.29 23.99
C ILE B 124 7.78 7.70 25.02
N GLU B 125 8.96 7.11 24.98
CA GLU B 125 9.98 7.44 25.98
C GLU B 125 10.30 8.94 25.97
N HIS B 126 10.16 9.61 24.83
CA HIS B 126 10.41 11.04 24.74
C HIS B 126 9.23 11.89 25.19
N LEU B 127 8.19 11.25 25.70
CA LEU B 127 7.02 11.94 26.26
C LEU B 127 6.85 11.55 27.71
N LEU B 128 7.86 10.93 28.33
CA LEU B 128 7.64 10.16 29.55
C LEU B 128 7.18 11.00 30.74
N GLU B 129 7.53 12.27 30.78
CA GLU B 129 7.10 13.15 31.86
C GLU B 129 6.06 14.16 31.41
N ARG B 130 5.55 14.03 30.19
CA ARG B 130 4.49 14.90 29.69
C ARG B 130 3.15 14.60 30.38
N LYS B 131 2.19 15.50 30.14
CA LYS B 131 0.83 15.40 30.61
C LYS B 131 -0.12 15.20 29.42
N PRO B 132 -1.26 14.54 29.62
CA PRO B 132 -2.11 14.13 28.48
C PRO B 132 -2.50 15.24 27.52
N LYS B 133 -2.65 16.49 27.97
CA LYS B 133 -3.12 17.54 27.07
C LYS B 133 -2.06 17.93 26.05
N ALA B 134 -0.77 17.70 26.33
CA ALA B 134 0.26 18.07 25.38
C ALA B 134 0.36 17.07 24.23
N LEU B 135 -0.03 15.83 24.46
CA LEU B 135 -0.16 14.84 23.39
C LEU B 135 -1.57 14.95 22.83
N SER B 136 -1.77 14.41 21.63
CA SER B 136 -3.14 14.32 21.17
C SER B 136 -3.24 13.33 20.02
N GLY B 137 -4.45 12.84 19.82
CA GLY B 137 -4.69 11.82 18.84
C GLY B 137 -3.95 10.52 19.11
N GLY B 138 -2.90 10.27 18.32
CA GLY B 138 -2.22 8.99 18.39
C GLY B 138 -1.43 8.75 19.67
N GLN B 139 -0.74 9.76 20.17
CA GLN B 139 0.18 9.53 21.28
C GLN B 139 -0.55 9.15 22.56
N ARG B 140 -1.68 9.80 22.85
CA ARG B 140 -2.42 9.44 24.05
C ARG B 140 -3.05 8.05 23.96
N GLN B 141 -3.29 7.54 22.75
CA GLN B 141 -3.77 6.17 22.63
C GLN B 141 -2.64 5.16 22.86
N ARG B 142 -1.42 5.56 22.56
CA ARG B 142 -0.29 4.64 22.80
C ARG B 142 -0.02 4.63 24.31
N VAL B 143 -0.42 5.69 25.00
CA VAL B 143 -0.21 5.74 26.48
C VAL B 143 -1.16 4.73 27.11
N ALA B 144 -2.42 4.73 26.66
CA ALA B 144 -3.43 3.78 27.19
C ALA B 144 -2.91 2.35 26.99
N LEU B 145 -2.43 2.06 25.79
CA LEU B 145 -1.86 0.72 25.47
C LEU B 145 -0.82 0.40 26.54
N GLY B 146 0.14 1.30 26.74
CA GLY B 146 1.23 1.11 27.72
C GLY B 146 0.74 0.65 29.07
N ARG B 147 -0.28 1.33 29.59
CA ARG B 147 -0.91 1.00 30.89
C ARG B 147 -1.17 -0.50 30.92
N ALA B 148 -1.92 -0.99 29.94
CA ALA B 148 -2.28 -2.42 29.86
C ALA B 148 -1.05 -3.26 29.54
N ILE B 149 -0.14 -2.74 28.73
CA ILE B 149 1.05 -3.52 28.29
C ILE B 149 1.86 -4.08 29.47
N VAL B 150 2.00 -3.34 30.57
CA VAL B 150 2.84 -3.85 31.69
C VAL B 150 2.00 -4.65 32.69
N ARG B 151 0.87 -5.24 32.31
CA ARG B 151 0.08 -5.83 33.38
C ARG B 151 0.26 -7.34 33.57
N ASN B 152 0.86 -8.07 32.65
CA ASN B 152 0.90 -9.53 32.69
C ASN B 152 -0.37 -10.18 33.23
N PRO B 153 -1.49 -10.07 32.51
CA PRO B 153 -2.78 -10.62 32.95
C PRO B 153 -2.99 -12.07 32.54
N LYS B 154 -4.21 -12.57 32.69
CA LYS B 154 -4.56 -13.87 32.11
C LYS B 154 -5.06 -13.77 30.67
N VAL B 155 -5.70 -12.67 30.30
CA VAL B 155 -6.11 -12.44 28.91
C VAL B 155 -6.14 -10.93 28.64
N PHE B 156 -5.77 -10.53 27.43
CA PHE B 156 -5.88 -9.15 26.96
C PHE B 156 -7.16 -8.96 26.16
N LEU B 157 -7.83 -7.83 26.37
CA LEU B 157 -9.02 -7.45 25.61
C LEU B 157 -8.79 -6.08 25.00
N MET B 158 -8.85 -5.99 23.67
CA MET B 158 -8.49 -4.78 22.95
C MET B 158 -9.54 -4.43 21.91
N ASP B 159 -10.11 -3.22 22.03
CA ASP B 159 -11.15 -2.72 21.11
C ASP B 159 -10.56 -1.56 20.31
N GLU B 160 -10.16 -1.83 19.07
CA GLU B 160 -9.62 -0.82 18.17
C GLU B 160 -8.57 0.07 18.84
N PRO B 161 -7.50 -0.51 19.36
CA PRO B 161 -6.52 0.30 20.12
C PRO B 161 -5.57 1.11 19.24
N LEU B 162 -5.57 0.90 17.93
CA LEU B 162 -4.65 1.60 17.03
C LEU B 162 -5.39 2.45 16.01
N SER B 163 -6.55 3.01 16.38
CA SER B 163 -7.38 3.72 15.41
C SER B 163 -7.07 5.22 15.34
N ASN B 164 -6.48 5.81 16.37
CA ASN B 164 -6.12 7.22 16.25
C ASN B 164 -4.69 7.40 15.78
N LEU B 165 -4.03 6.33 15.46
CA LEU B 165 -2.67 6.41 14.96
C LEU B 165 -2.69 6.53 13.46
N ASP B 166 -1.58 6.94 12.85
CA ASP B 166 -1.51 7.06 11.41
C ASP B 166 -1.01 5.80 10.80
N ALA B 167 -1.15 5.65 9.47
CA ALA B 167 -0.82 4.36 8.87
C ALA B 167 0.49 3.79 9.38
N LYS B 168 1.60 4.50 9.14
CA LYS B 168 2.90 3.85 9.32
C LYS B 168 3.21 3.55 10.78
N LEU B 169 2.63 4.30 11.72
CA LEU B 169 2.87 4.03 13.12
C LEU B 169 1.90 3.00 13.67
N ARG B 170 0.70 2.92 13.09
CA ARG B 170 -0.21 1.81 13.39
C ARG B 170 0.44 0.49 13.04
N VAL B 171 1.09 0.41 11.88
CA VAL B 171 1.79 -0.82 11.46
C VAL B 171 2.89 -1.18 12.44
N GLN B 172 3.63 -0.18 12.93
CA GLN B 172 4.71 -0.48 13.86
C GLN B 172 4.20 -1.00 15.20
N MET B 173 3.02 -0.55 15.62
CA MET B 173 2.49 -0.98 16.91
C MET B 173 1.69 -2.27 16.80
N ARG B 174 1.28 -2.64 15.60
CA ARG B 174 0.66 -3.94 15.37
C ARG B 174 1.70 -5.05 15.49
N THR B 175 2.91 -4.82 14.98
CA THR B 175 3.97 -5.82 15.12
C THR B 175 4.45 -5.95 16.57
N GLU B 176 4.39 -4.87 17.35
CA GLU B 176 4.80 -4.95 18.75
C GLU B 176 3.74 -5.65 19.60
N ILE B 177 2.46 -5.53 19.23
CA ILE B 177 1.42 -6.29 19.92
C ILE B 177 1.58 -7.78 19.63
N SER B 178 1.88 -8.13 18.38
CA SER B 178 2.08 -9.53 18.01
C SER B 178 3.31 -10.11 18.70
N LYS B 179 4.40 -9.33 18.81
CA LYS B 179 5.59 -9.80 19.52
C LYS B 179 5.32 -9.98 21.00
N LEU B 180 4.43 -9.16 21.57
CA LEU B 180 4.11 -9.28 22.99
C LEU B 180 3.37 -10.58 23.25
N HIS B 181 2.43 -10.92 22.37
CA HIS B 181 1.74 -12.19 22.47
C HIS B 181 2.72 -13.36 22.29
N GLN B 182 3.71 -13.19 21.41
CA GLN B 182 4.76 -14.18 21.24
C GLN B 182 5.69 -14.29 22.44
N ARG B 183 5.67 -13.32 23.35
CA ARG B 183 6.58 -13.26 24.48
C ARG B 183 5.94 -13.70 25.79
N LEU B 184 4.78 -13.13 26.11
CA LEU B 184 4.07 -13.48 27.33
C LEU B 184 3.19 -14.72 27.17
N GLN B 185 2.77 -15.02 25.94
CA GLN B 185 1.92 -16.16 25.63
C GLN B 185 0.68 -16.18 26.51
N THR B 186 -0.05 -15.07 26.48
CA THR B 186 -1.35 -14.97 27.13
C THR B 186 -2.42 -14.78 26.06
N THR B 187 -3.63 -15.23 26.37
CA THR B 187 -4.75 -15.10 25.44
C THR B 187 -4.99 -13.64 25.04
N PHE B 188 -5.18 -13.40 23.75
CA PHE B 188 -5.54 -12.11 23.21
C PHE B 188 -6.88 -12.20 22.49
N ILE B 189 -7.74 -11.21 22.71
CA ILE B 189 -8.95 -11.05 21.91
C ILE B 189 -8.96 -9.62 21.37
N TYR B 190 -8.87 -9.48 20.06
CA TYR B 190 -8.63 -8.20 19.40
C TYR B 190 -9.81 -7.86 18.50
N VAL B 191 -10.35 -6.65 18.65
CA VAL B 191 -11.45 -6.17 17.85
C VAL B 191 -10.95 -5.01 17.00
N THR B 192 -11.16 -5.09 15.69
CA THR B 192 -10.84 -3.97 14.83
C THR B 192 -11.80 -3.92 13.64
N HIS B 193 -12.06 -2.70 13.16
CA HIS B 193 -12.90 -2.55 11.98
C HIS B 193 -12.13 -2.97 10.73
N ASP B 194 -10.85 -2.59 10.68
CA ASP B 194 -9.99 -2.93 9.57
C ASP B 194 -9.84 -4.43 9.47
N GLN B 195 -10.00 -4.95 8.24
CA GLN B 195 -9.81 -6.37 8.00
C GLN B 195 -8.35 -6.70 7.76
N THR B 196 -7.62 -5.79 7.14
CA THR B 196 -6.21 -5.97 6.77
C THR B 196 -5.29 -6.28 7.92
N GLU B 197 -5.72 -6.02 9.17
CA GLU B 197 -4.92 -6.30 10.34
C GLU B 197 -5.32 -7.60 11.02
N ALA B 198 -6.46 -8.19 10.63
CA ALA B 198 -6.79 -9.55 11.03
C ALA B 198 -5.86 -10.60 10.42
N LEU B 199 -5.59 -10.50 9.11
CA LEU B 199 -4.93 -11.58 8.38
C LEU B 199 -3.50 -11.84 8.78
N THR B 200 -2.85 -10.94 9.51
CA THR B 200 -1.47 -11.15 9.90
C THR B 200 -1.34 -11.41 11.40
N MET B 201 -2.25 -10.88 12.21
CA MET B 201 -2.08 -10.85 13.65
C MET B 201 -2.65 -12.11 14.30
N GLY B 202 -3.87 -12.50 13.92
CA GLY B 202 -4.60 -13.50 14.69
C GLY B 202 -4.33 -14.93 14.24
N THR B 203 -4.32 -15.83 15.23
CA THR B 203 -4.29 -17.26 14.96
C THR B 203 -5.58 -17.71 14.27
N ARG B 204 -6.71 -17.30 14.83
CA ARG B 204 -8.02 -17.56 14.26
C ARG B 204 -8.79 -16.24 14.19
N ILE B 205 -9.67 -16.14 13.20
CA ILE B 205 -10.47 -14.94 12.97
C ILE B 205 -11.93 -15.35 12.97
N VAL B 206 -12.76 -14.52 13.60
CA VAL B 206 -14.20 -14.76 13.66
C VAL B 206 -14.91 -13.64 12.92
N VAL B 207 -15.60 -14.00 11.84
CA VAL B 207 -16.38 -13.05 11.07
C VAL B 207 -17.81 -13.07 11.60
N MET B 208 -18.30 -11.91 12.00
CA MET B 208 -19.65 -11.79 12.52
C MET B 208 -20.44 -10.82 11.65
N LYS B 209 -21.73 -11.10 11.54
CA LYS B 209 -22.62 -10.28 10.73
C LYS B 209 -24.00 -10.29 11.38
N ASP B 210 -24.52 -9.09 11.65
CA ASP B 210 -25.86 -8.92 12.23
C ASP B 210 -26.05 -9.79 13.46
N GLY B 211 -24.98 -10.02 14.21
CA GLY B 211 -25.04 -10.73 15.47
C GLY B 211 -24.62 -12.19 15.40
N TYR B 212 -24.56 -12.77 14.20
CA TYR B 212 -24.26 -14.19 14.02
C TYR B 212 -22.83 -14.32 13.56
N ILE B 213 -22.16 -15.37 14.03
CA ILE B 213 -20.81 -15.64 13.56
C ILE B 213 -20.94 -16.43 12.26
N GLN B 214 -20.28 -15.93 11.20
CA GLN B 214 -20.38 -16.59 9.89
C GLN B 214 -19.38 -17.72 9.81
N GLN B 215 -18.15 -17.47 10.26
CA GLN B 215 -17.10 -18.46 10.15
C GLN B 215 -15.97 -18.11 11.12
N VAL B 216 -15.34 -19.16 11.65
CA VAL B 216 -14.18 -19.04 12.52
C VAL B 216 -13.09 -19.93 11.94
N ASP B 217 -12.02 -19.31 11.43
CA ASP B 217 -10.92 -20.09 10.86
C ASP B 217 -9.67 -19.21 10.81
N THR B 218 -8.56 -19.83 10.41
CA THR B 218 -7.31 -19.12 10.27
C THR B 218 -7.39 -18.12 9.12
N PRO B 219 -6.63 -17.02 9.19
CA PRO B 219 -6.62 -16.03 8.10
C PRO B 219 -6.54 -16.64 6.72
N THR B 220 -5.56 -17.52 6.50
CA THR B 220 -5.43 -18.18 5.21
C THR B 220 -6.70 -18.94 4.85
N ASN B 221 -7.27 -19.67 5.81
CA ASN B 221 -8.45 -20.49 5.52
C ASN B 221 -9.67 -19.63 5.23
N LEU B 222 -9.86 -18.55 6.00
CA LEU B 222 -10.91 -17.59 5.69
C LEU B 222 -10.74 -17.03 4.28
N TYR B 223 -9.50 -16.73 3.90
CA TYR B 223 -9.26 -16.15 2.58
C TYR B 223 -9.52 -17.15 1.46
N GLU B 224 -9.13 -18.41 1.66
CA GLU B 224 -9.13 -19.40 0.58
C GLU B 224 -10.28 -20.39 0.64
N ARG B 225 -10.95 -20.52 1.79
CA ARG B 225 -12.13 -21.39 1.96
C ARG B 225 -13.20 -20.66 2.74
N PRO B 226 -13.85 -19.66 2.12
CA PRO B 226 -14.98 -19.01 2.77
C PRO B 226 -16.21 -19.90 2.77
N CYS B 227 -17.07 -19.72 3.78
CA CYS B 227 -18.25 -20.55 3.90
C CYS B 227 -19.46 -19.97 3.17
N ASN B 228 -19.55 -18.66 2.99
CA ASN B 228 -20.67 -18.07 2.25
C ASN B 228 -20.20 -16.84 1.49
N MET B 229 -21.12 -16.31 0.66
CA MET B 229 -20.79 -15.15 -0.16
C MET B 229 -20.41 -13.94 0.68
N PHE B 230 -20.90 -13.84 1.92
CA PHE B 230 -20.57 -12.68 2.74
C PHE B 230 -19.12 -12.72 3.17
N VAL B 231 -18.71 -13.79 3.84
CA VAL B 231 -17.30 -13.95 4.22
C VAL B 231 -16.40 -13.83 3.00
N ALA B 232 -16.82 -14.41 1.88
CA ALA B 232 -16.02 -14.34 0.66
C ALA B 232 -15.84 -12.89 0.20
N GLY B 233 -16.91 -12.11 0.23
CA GLY B 233 -16.90 -10.73 -0.18
C GLY B 233 -16.55 -9.75 0.91
N PHE B 234 -16.29 -10.22 2.12
CA PHE B 234 -15.90 -9.36 3.23
C PHE B 234 -14.40 -9.37 3.48
N ILE B 235 -13.74 -10.50 3.26
CA ILE B 235 -12.31 -10.64 3.51
C ILE B 235 -11.56 -10.55 2.19
N GLY B 236 -10.57 -9.67 2.13
CA GLY B 236 -9.83 -9.42 0.91
C GLY B 236 -10.34 -8.17 0.23
N SER B 237 -9.42 -7.30 -0.20
CA SER B 237 -9.77 -6.09 -0.92
C SER B 237 -8.84 -5.91 -2.11
N PRO B 238 -9.38 -5.42 -3.24
CA PRO B 238 -10.79 -5.08 -3.48
C PRO B 238 -11.71 -6.30 -3.42
N GLN B 239 -13.01 -6.05 -3.29
CA GLN B 239 -13.97 -7.13 -3.08
C GLN B 239 -13.86 -8.18 -4.16
N MET B 240 -14.08 -9.43 -3.79
CA MET B 240 -14.06 -10.53 -4.75
C MET B 240 -15.13 -10.31 -5.81
N ASN B 241 -14.80 -10.67 -7.05
CA ASN B 241 -15.74 -10.49 -8.15
C ASN B 241 -16.82 -11.56 -8.09
N PHE B 242 -18.06 -11.17 -8.37
CA PHE B 242 -19.20 -12.07 -8.32
C PHE B 242 -19.99 -11.95 -9.61
N VAL B 243 -20.30 -13.09 -10.23
CA VAL B 243 -21.19 -13.15 -11.38
C VAL B 243 -22.12 -14.33 -11.23
N ASN B 244 -23.32 -14.19 -11.79
CA ASN B 244 -24.19 -15.34 -11.99
C ASN B 244 -23.67 -16.18 -13.14
N ALA B 245 -23.54 -17.48 -12.91
CA ALA B 245 -23.09 -18.38 -13.95
C ALA B 245 -23.91 -19.66 -13.89
N ARG B 246 -23.99 -20.34 -15.02
CA ARG B 246 -24.68 -21.61 -15.12
C ARG B 246 -23.64 -22.71 -15.26
N ILE B 247 -23.78 -23.77 -14.47
CA ILE B 247 -22.88 -24.90 -14.60
C ILE B 247 -23.36 -25.77 -15.74
N GLU B 248 -22.42 -26.22 -16.56
CA GLU B 248 -22.75 -27.00 -17.75
C GLU B 248 -21.69 -28.07 -17.93
N LYS B 249 -22.14 -29.31 -18.13
CA LYS B 249 -21.25 -30.43 -18.38
C LYS B 249 -21.23 -30.68 -19.88
N ARG B 250 -20.06 -30.50 -20.49
CA ARG B 250 -19.86 -30.73 -21.92
C ARG B 250 -18.79 -31.80 -22.06
N GLY B 251 -19.16 -32.96 -22.59
CA GLY B 251 -18.26 -34.08 -22.52
C GLY B 251 -18.05 -34.48 -21.07
N ASP B 252 -16.80 -34.82 -20.74
CA ASP B 252 -16.43 -35.05 -19.36
C ASP B 252 -15.95 -33.78 -18.65
N GLU B 253 -15.79 -32.68 -19.39
CA GLU B 253 -15.48 -31.39 -18.81
C GLU B 253 -16.68 -30.82 -18.03
N MET B 254 -16.39 -29.87 -17.14
CA MET B 254 -17.40 -29.11 -16.42
C MET B 254 -17.11 -27.64 -16.63
N HIS B 255 -18.11 -26.88 -17.10
CA HIS B 255 -17.92 -25.50 -17.50
C HIS B 255 -18.79 -24.54 -16.71
N LEU B 256 -18.36 -23.28 -16.66
CA LEU B 256 -19.13 -22.18 -16.10
C LEU B 256 -19.35 -21.16 -17.20
N LEU B 257 -20.61 -20.77 -17.39
CA LEU B 257 -20.98 -19.87 -18.47
C LEU B 257 -21.68 -18.66 -17.90
N PHE B 258 -21.19 -17.48 -18.26
CA PHE B 258 -21.76 -16.21 -17.83
C PHE B 258 -21.65 -15.22 -18.99
N GLY B 259 -22.78 -14.62 -19.35
CA GLY B 259 -22.82 -13.86 -20.59
C GLY B 259 -22.51 -14.79 -21.74
N LYS B 260 -21.72 -14.31 -22.69
CA LYS B 260 -21.25 -15.13 -23.80
C LYS B 260 -19.90 -15.78 -23.53
N GLN B 261 -19.44 -15.79 -22.28
CA GLN B 261 -18.11 -16.23 -21.92
C GLN B 261 -18.13 -17.63 -21.34
N ASP B 262 -16.98 -18.31 -21.40
CA ASP B 262 -16.91 -19.75 -21.14
C ASP B 262 -15.68 -20.08 -20.31
N ILE B 263 -15.91 -20.57 -19.10
CA ILE B 263 -14.86 -20.98 -18.18
C ILE B 263 -14.95 -22.48 -17.99
N LYS B 264 -13.84 -23.18 -18.21
CA LYS B 264 -13.78 -24.63 -18.06
C LYS B 264 -13.17 -24.93 -16.70
N LEU B 265 -13.90 -25.65 -15.85
CA LEU B 265 -13.35 -26.00 -14.56
C LEU B 265 -12.34 -27.14 -14.71
N PRO B 266 -11.37 -27.24 -13.82
CA PRO B 266 -10.37 -28.30 -13.96
C PRO B 266 -10.91 -29.64 -13.50
N GLU B 267 -10.37 -30.70 -14.09
CA GLU B 267 -10.73 -32.05 -13.69
C GLU B 267 -10.42 -32.24 -12.21
N GLY B 268 -11.46 -32.40 -11.40
CA GLY B 268 -11.27 -32.46 -9.96
C GLY B 268 -12.39 -31.75 -9.24
N LYS B 269 -13.31 -31.17 -10.00
CA LYS B 269 -14.50 -30.53 -9.47
C LYS B 269 -15.72 -31.38 -9.79
N ALA B 270 -16.35 -31.92 -8.76
CA ALA B 270 -17.52 -32.80 -8.89
C ALA B 270 -17.31 -33.94 -9.89
N SER B 276 -22.65 -31.98 -8.28
CA SER B 276 -23.42 -33.17 -8.64
C SER B 276 -24.91 -32.83 -8.74
N GLU B 277 -25.43 -32.21 -7.68
CA GLU B 277 -26.81 -31.75 -7.64
C GLU B 277 -26.94 -30.27 -8.01
N TYR B 278 -25.93 -29.70 -8.66
CA TYR B 278 -25.99 -28.34 -9.18
C TYR B 278 -25.73 -28.27 -10.68
N VAL B 279 -25.56 -29.40 -11.37
CA VAL B 279 -25.22 -29.37 -12.79
C VAL B 279 -26.45 -28.97 -13.57
N GLY B 280 -26.27 -28.06 -14.53
CA GLY B 280 -27.40 -27.54 -15.28
C GLY B 280 -28.12 -26.43 -14.57
N ARG B 281 -27.69 -26.11 -13.35
CA ARG B 281 -28.31 -25.11 -12.51
C ARG B 281 -27.45 -23.85 -12.59
N GLU B 282 -28.06 -22.73 -12.21
CA GLU B 282 -27.41 -21.44 -12.27
C GLU B 282 -26.92 -21.05 -10.88
N VAL B 283 -25.62 -20.73 -10.78
CA VAL B 283 -24.95 -20.46 -9.52
C VAL B 283 -24.30 -19.09 -9.62
N VAL B 284 -23.68 -18.61 -8.54
CA VAL B 284 -22.89 -17.38 -8.59
C VAL B 284 -21.41 -17.74 -8.53
N MET B 285 -20.64 -17.22 -9.48
CA MET B 285 -19.21 -17.49 -9.58
C MET B 285 -18.44 -16.42 -8.83
N GLY B 286 -17.39 -16.84 -8.12
CA GLY B 286 -16.57 -15.90 -7.38
C GLY B 286 -15.09 -16.08 -7.65
N ILE B 287 -14.45 -15.04 -8.15
CA ILE B 287 -13.01 -15.05 -8.40
C ILE B 287 -12.41 -13.78 -7.81
N ARG B 288 -11.27 -13.92 -7.14
CA ARG B 288 -10.60 -12.78 -6.56
C ARG B 288 -9.79 -12.05 -7.63
N PRO B 289 -9.55 -10.74 -7.44
CA PRO B 289 -8.82 -9.99 -8.47
C PRO B 289 -7.48 -10.59 -8.88
N GLU B 290 -6.67 -11.03 -7.92
CA GLU B 290 -5.35 -11.58 -8.23
C GLU B 290 -5.42 -12.89 -9.00
N ASN B 291 -6.61 -13.42 -9.27
CA ASN B 291 -6.77 -14.62 -10.07
C ASN B 291 -7.27 -14.34 -11.47
N ILE B 292 -7.44 -13.07 -11.84
CA ILE B 292 -7.63 -12.64 -13.22
C ILE B 292 -6.31 -12.01 -13.64
N ARG B 293 -5.48 -12.79 -14.33
CA ARG B 293 -4.10 -12.42 -14.61
C ARG B 293 -3.87 -12.24 -16.10
N ASP B 294 -3.01 -11.27 -16.44
CA ASP B 294 -2.75 -10.90 -17.82
C ASP B 294 -1.34 -11.25 -18.31
N GLU B 295 -0.47 -11.79 -17.47
CA GLU B 295 0.84 -12.20 -17.94
C GLU B 295 0.69 -13.36 -18.90
N GLU B 296 1.45 -13.33 -20.00
CA GLU B 296 1.14 -14.19 -21.14
C GLU B 296 1.42 -15.66 -20.87
N ILE B 297 2.15 -15.98 -19.80
CA ILE B 297 2.29 -17.40 -19.41
C ILE B 297 0.90 -18.00 -19.22
N TYR B 298 0.02 -17.29 -18.49
CA TYR B 298 -1.31 -17.81 -18.26
C TYR B 298 -2.15 -17.78 -19.53
N LEU B 299 -1.97 -16.78 -20.40
CA LEU B 299 -2.80 -16.67 -21.61
C LEU B 299 -2.53 -17.81 -22.59
N GLU B 300 -1.40 -18.49 -22.47
CA GLU B 300 -1.07 -19.63 -23.30
C GLU B 300 -1.46 -20.95 -22.65
N SER B 301 -1.21 -21.08 -21.35
CA SER B 301 -1.57 -22.30 -20.64
C SER B 301 -3.08 -22.41 -20.44
N MET B 302 -3.70 -21.33 -19.98
CA MET B 302 -5.14 -21.29 -19.73
C MET B 302 -5.89 -20.65 -20.87
N SER B 303 -5.43 -20.93 -22.10
CA SER B 303 -6.05 -20.38 -23.30
C SER B 303 -7.55 -20.63 -23.33
N GLU B 304 -7.99 -21.80 -22.84
CA GLU B 304 -9.41 -22.12 -22.88
C GLU B 304 -10.24 -21.13 -22.07
N ASN B 305 -9.63 -20.51 -21.05
CA ASN B 305 -10.34 -19.64 -20.11
C ASN B 305 -9.86 -18.19 -20.20
N VAL B 306 -9.52 -17.74 -21.39
CA VAL B 306 -9.18 -16.33 -21.64
C VAL B 306 -10.42 -15.62 -22.16
N VAL B 307 -10.68 -14.41 -21.66
CA VAL B 307 -11.83 -13.62 -22.03
C VAL B 307 -11.37 -12.20 -22.35
N GLU B 308 -11.99 -11.58 -23.35
CA GLU B 308 -11.66 -10.21 -23.74
C GLU B 308 -12.55 -9.22 -22.98
N GLY B 309 -11.92 -8.23 -22.37
CA GLY B 309 -12.65 -7.24 -21.60
C GLY B 309 -12.19 -5.83 -21.90
N ARG B 310 -13.14 -4.89 -21.81
CA ARG B 310 -12.89 -3.49 -22.13
C ARG B 310 -12.46 -2.77 -20.87
N VAL B 311 -11.20 -2.34 -20.83
CA VAL B 311 -10.68 -1.64 -19.67
C VAL B 311 -11.35 -0.28 -19.54
N GLU B 312 -11.65 0.12 -18.30
CA GLU B 312 -12.29 1.40 -18.03
C GLU B 312 -11.48 2.28 -17.09
N VAL B 313 -10.84 1.73 -16.06
CA VAL B 313 -9.88 2.48 -15.24
C VAL B 313 -8.74 1.53 -14.85
N VAL B 314 -7.52 2.09 -14.80
CA VAL B 314 -6.33 1.37 -14.38
C VAL B 314 -5.69 2.15 -13.24
N GLU B 315 -5.12 1.44 -12.27
CA GLU B 315 -4.53 2.09 -11.11
C GLU B 315 -3.22 1.43 -10.76
N MET B 316 -2.17 2.21 -10.88
CA MET B 316 -0.82 1.73 -10.67
C MET B 316 -0.33 2.11 -9.27
N LEU B 317 0.18 1.13 -8.53
CA LEU B 317 0.51 1.33 -7.12
C LEU B 317 1.95 1.04 -6.76
N GLY B 318 2.72 0.40 -7.62
CA GLY B 318 4.07 -0.01 -7.27
C GLY B 318 4.11 -1.39 -6.66
N SER B 319 3.12 -1.69 -5.81
CA SER B 319 2.95 -3.06 -5.33
C SER B 319 2.24 -3.91 -6.37
N GLU B 320 1.36 -3.30 -7.15
CA GLU B 320 0.49 -4.02 -8.07
C GLU B 320 0.00 -3.03 -9.12
N THR B 321 -0.74 -3.56 -10.09
CA THR B 321 -1.55 -2.76 -10.99
C THR B 321 -2.95 -3.34 -10.96
N LEU B 322 -3.93 -2.51 -10.59
CA LEU B 322 -5.31 -2.95 -10.55
C LEU B 322 -6.03 -2.42 -11.78
N ILE B 323 -6.66 -3.34 -12.52
CA ILE B 323 -7.31 -3.04 -13.79
C ILE B 323 -8.79 -3.26 -13.60
N TYR B 324 -9.59 -2.25 -13.90
CA TYR B 324 -11.04 -2.33 -13.74
C TYR B 324 -11.63 -2.41 -15.14
N MET B 325 -12.35 -3.48 -15.40
CA MET B 325 -12.85 -3.71 -16.75
C MET B 325 -14.25 -4.16 -16.83
N VAL B 326 -14.78 -4.20 -18.03
CA VAL B 326 -16.11 -4.72 -18.21
C VAL B 326 -16.05 -5.79 -19.28
N ILE B 327 -16.57 -6.97 -18.99
CA ILE B 327 -16.44 -8.07 -19.95
C ILE B 327 -17.59 -8.04 -20.96
N ASP B 328 -18.73 -8.61 -20.59
CA ASP B 328 -19.87 -8.54 -21.48
C ASP B 328 -20.75 -7.42 -20.95
N ASP B 329 -21.20 -7.56 -19.72
CA ASP B 329 -22.04 -6.55 -19.11
C ASP B 329 -21.65 -6.45 -17.69
N PHE B 330 -20.63 -7.20 -17.31
CA PHE B 330 -20.26 -7.19 -15.92
C PHE B 330 -18.93 -6.56 -15.59
N GLU B 331 -18.88 -5.85 -14.49
CA GLU B 331 -17.66 -5.18 -14.10
C GLU B 331 -16.77 -6.09 -13.32
N PHE B 332 -15.48 -6.06 -13.61
CA PHE B 332 -14.56 -6.94 -12.96
C PHE B 332 -13.34 -6.17 -12.59
N THR B 333 -12.72 -6.50 -11.47
CA THR B 333 -11.46 -5.88 -11.09
C THR B 333 -10.40 -6.95 -11.11
N ALA B 334 -9.22 -6.57 -11.59
CA ALA B 334 -8.12 -7.51 -11.76
C ALA B 334 -6.86 -6.94 -11.12
N ARG B 335 -6.05 -7.84 -10.60
CA ARG B 335 -4.77 -7.50 -10.00
C ARG B 335 -3.66 -8.20 -10.76
N VAL B 336 -2.76 -7.41 -11.34
CA VAL B 336 -1.67 -7.94 -12.13
C VAL B 336 -0.36 -7.34 -11.61
N ASN B 337 0.74 -7.77 -12.20
CA ASN B 337 2.05 -7.38 -11.72
C ASN B 337 2.28 -5.89 -11.97
N PRO B 338 3.19 -5.27 -11.21
CA PRO B 338 3.33 -3.80 -11.26
C PRO B 338 3.66 -3.27 -12.65
N ARG B 339 3.26 -2.03 -12.90
CA ARG B 339 3.54 -1.38 -14.19
C ARG B 339 3.05 -2.12 -15.40
N SER B 340 1.74 -2.15 -15.58
CA SER B 340 1.14 -2.80 -16.70
C SER B 340 1.05 -1.82 -17.87
N LYS B 341 0.77 -2.39 -19.03
CA LYS B 341 0.66 -1.68 -20.30
C LYS B 341 -0.77 -1.24 -20.61
N ALA B 342 -1.75 -1.83 -19.93
CA ALA B 342 -3.16 -1.56 -20.22
C ALA B 342 -3.52 -0.10 -20.00
N ARG B 343 -4.41 0.40 -20.84
CA ARG B 343 -4.91 1.76 -20.77
C ARG B 343 -6.41 1.75 -20.98
N PRO B 344 -7.12 2.76 -20.47
CA PRO B 344 -8.57 2.83 -20.67
C PRO B 344 -8.93 2.87 -22.15
N GLY B 345 -9.88 2.03 -22.55
CA GLY B 345 -10.39 1.99 -23.90
C GLY B 345 -9.97 0.76 -24.68
N ASP B 346 -8.79 0.21 -24.38
CA ASP B 346 -8.38 -1.00 -25.07
C ASP B 346 -9.14 -2.19 -24.51
N VAL B 347 -9.17 -3.27 -25.28
CA VAL B 347 -9.70 -4.54 -24.80
C VAL B 347 -8.52 -5.50 -24.65
N ILE B 348 -8.40 -6.09 -23.47
CA ILE B 348 -7.25 -6.89 -23.09
C ILE B 348 -7.70 -8.33 -22.92
N LYS B 349 -6.77 -9.26 -23.12
CA LYS B 349 -7.04 -10.68 -23.00
C LYS B 349 -6.66 -11.10 -21.59
N VAL B 350 -7.66 -11.28 -20.72
CA VAL B 350 -7.46 -11.72 -19.34
C VAL B 350 -7.75 -13.21 -19.27
N ALA B 351 -7.00 -13.92 -18.43
CA ALA B 351 -7.23 -15.32 -18.16
C ALA B 351 -7.83 -15.51 -16.76
N PHE B 352 -8.90 -16.29 -16.69
CA PHE B 352 -9.54 -16.65 -15.43
C PHE B 352 -8.93 -17.95 -14.91
N ASP B 353 -8.32 -17.89 -13.73
CA ASP B 353 -7.70 -19.06 -13.10
C ASP B 353 -8.80 -19.91 -12.48
N ALA B 354 -9.23 -20.95 -13.22
CA ALA B 354 -10.35 -21.77 -12.75
C ALA B 354 -10.05 -22.47 -11.44
N ASN B 355 -8.77 -22.75 -11.16
CA ASN B 355 -8.41 -23.44 -9.93
C ASN B 355 -8.71 -22.61 -8.68
N LYS B 356 -9.11 -21.36 -8.85
CA LYS B 356 -9.38 -20.44 -7.75
C LYS B 356 -10.78 -19.87 -7.85
N ILE B 357 -11.69 -20.61 -8.49
CA ILE B 357 -13.07 -20.19 -8.65
C ILE B 357 -13.87 -20.66 -7.45
N HIS B 358 -14.68 -19.77 -6.88
CA HIS B 358 -15.59 -20.10 -5.80
C HIS B 358 -17.01 -20.13 -6.34
N LEU B 359 -17.79 -21.12 -5.92
CA LEU B 359 -19.15 -21.30 -6.42
C LEU B 359 -20.12 -21.37 -5.25
N PHE B 360 -21.13 -20.50 -5.28
CA PHE B 360 -22.11 -20.41 -4.21
C PHE B 360 -23.51 -20.63 -4.77
N ASP B 361 -24.40 -21.08 -3.90
CA ASP B 361 -25.82 -21.15 -4.22
C ASP B 361 -26.39 -19.75 -4.38
N LYS B 362 -27.19 -19.55 -5.43
CA LYS B 362 -27.81 -18.24 -5.67
C LYS B 362 -28.80 -17.89 -4.58
N GLU B 363 -29.41 -18.89 -3.93
CA GLU B 363 -30.42 -18.62 -2.92
C GLU B 363 -29.82 -18.53 -1.51
N THR B 364 -29.19 -19.61 -1.05
CA THR B 364 -28.60 -19.66 0.29
C THR B 364 -27.32 -18.83 0.41
N GLU B 365 -26.64 -18.58 -0.71
CA GLU B 365 -25.40 -17.82 -0.75
C GLU B 365 -24.26 -18.54 -0.03
N LYS B 366 -24.33 -19.85 0.10
CA LYS B 366 -23.26 -20.63 0.67
C LYS B 366 -22.55 -21.43 -0.41
N THR B 367 -21.32 -21.82 -0.13
CA THR B 367 -20.46 -22.42 -1.13
C THR B 367 -20.90 -23.84 -1.43
N ILE B 368 -20.69 -24.27 -2.67
CA ILE B 368 -21.05 -25.64 -3.03
C ILE B 368 -19.98 -26.61 -2.57
N MET B 369 -18.72 -26.20 -2.56
CA MET B 369 -17.66 -27.02 -1.97
C MET B 369 -17.20 -26.42 -0.64
#